data_5Z5E
#
_entry.id   5Z5E
#
_cell.length_a   79.410
_cell.length_b   121.096
_cell.length_c   133.635
_cell.angle_alpha   90.00
_cell.angle_beta   93.27
_cell.angle_gamma   90.00
#
_symmetry.space_group_name_H-M   'C 1 2 1'
#
loop_
_entity.id
_entity.type
_entity.pdbx_description
1 polymer NEQ417
2 non-polymer 'SULFATE ION'
3 non-polymer GLYCEROL
4 water water
#
_entity_poly.entity_id   1
_entity_poly.type   'polypeptide(L)'
_entity_poly.pdbx_seq_one_letter_code
;MGSSHHHHHHSSGLVPRGSHMLEDPKEYVLKGFFYPASEIYNSIAGFYDYGYLGTLLKNNFINEWKNYFLRLHPNFWEVD
PAIVMPKEVFIASGHLENFNDPIVECKNGHRFRADHLIEEKLNIKAEGLSLSEMEELLKNVRCPICNAPLGKVKWFNLMF
PIYIGPDSQEALNLLKNLKENVSEQYIKDIIERVKKMVENEAYLRPETAQGPYVMFKREFILHRQKLPLGLAVVGKAFRN
EISPRQLLLRLREFTQAELQIFFDPEDNEFDINEVKDVELNFLDKEGNYKRIKVKDLPFPEFYAYFVGKVKQFYERLGIP
EERLRFRELSEKEKAFYNKYHVDIEINFPTYGWKEVGGIHYRTDHDLSGHMKVSGKDLTVQKDNKKFIPHVLELSFGVDR
NVLALIDLFLTEEEYEIERDNQKVKEKRVVLKIPKHLAPIKVAVFPLLKKPELIEKAKEVYNMLKNYFYPIIYDEQGSIG
RRYRRVDEIGVPYAITIDYQTLEDNTVTIRDRDTMKQVRVKIEDLPNQLTLSSS
;
_entity_poly.pdbx_strand_id   A,B
#
loop_
_chem_comp.id
_chem_comp.type
_chem_comp.name
_chem_comp.formula
GOL non-polymer GLYCEROL 'C3 H8 O3'
SO4 non-polymer 'SULFATE ION' 'O4 S -2'
#
# COMPACT_ATOMS: atom_id res chain seq x y z
N ASP A 24 21.07 -14.59 14.98
CA ASP A 24 19.87 -14.87 15.75
C ASP A 24 18.80 -13.80 15.48
N PRO A 25 18.28 -13.77 14.26
CA PRO A 25 17.23 -12.78 13.96
C PRO A 25 15.94 -13.02 14.72
N LYS A 26 15.67 -14.27 15.11
CA LYS A 26 14.34 -14.62 15.59
C LYS A 26 13.92 -13.79 16.80
N GLU A 27 14.79 -13.71 17.81
CA GLU A 27 14.44 -12.89 18.97
C GLU A 27 14.68 -11.41 18.70
N TYR A 28 15.67 -11.08 17.87
CA TYR A 28 15.98 -9.68 17.61
C TYR A 28 14.87 -8.94 16.87
N VAL A 29 14.08 -9.63 16.04
CA VAL A 29 13.09 -8.91 15.22
C VAL A 29 11.91 -8.46 16.07
N LEU A 30 11.72 -9.07 17.23
CA LEU A 30 10.70 -8.68 18.18
C LEU A 30 10.94 -7.30 18.79
N LYS A 31 12.09 -6.68 18.53
CA LYS A 31 12.37 -5.35 19.06
C LYS A 31 11.79 -4.26 18.18
N GLY A 32 10.72 -4.54 17.44
CA GLY A 32 10.05 -3.55 16.63
C GLY A 32 10.01 -3.84 15.14
N PHE A 33 10.66 -4.90 14.66
CA PHE A 33 10.66 -5.13 13.21
C PHE A 33 9.41 -5.92 12.78
N PHE A 34 9.23 -7.13 13.30
CA PHE A 34 8.01 -7.87 12.99
C PHE A 34 7.82 -9.02 13.97
N TYR A 35 6.57 -9.37 14.19
CA TYR A 35 6.10 -10.29 15.21
C TYR A 35 5.17 -11.31 14.59
N PRO A 36 5.04 -12.50 15.19
CA PRO A 36 4.01 -13.43 14.72
C PRO A 36 2.66 -12.74 14.69
N ALA A 37 1.91 -12.91 13.60
CA ALA A 37 0.68 -12.15 13.40
C ALA A 37 -0.34 -12.50 14.48
N SER A 38 -0.95 -11.47 15.04
CA SER A 38 -1.89 -11.64 16.15
C SER A 38 -1.19 -12.41 17.29
N GLU A 39 -0.08 -11.83 17.74
CA GLU A 39 0.82 -12.52 18.68
C GLU A 39 0.10 -12.98 19.95
N ILE A 40 -0.92 -12.25 20.40
CA ILE A 40 -1.58 -12.62 21.66
C ILE A 40 -2.52 -13.80 21.52
N TYR A 41 -2.80 -14.27 20.30
CA TYR A 41 -3.54 -15.51 20.12
C TYR A 41 -2.58 -16.57 19.60
N ASN A 42 -3.09 -17.74 19.26
CA ASN A 42 -2.24 -18.77 18.67
C ASN A 42 -1.94 -18.36 17.23
N SER A 43 -0.80 -17.70 17.00
CA SER A 43 -0.50 -17.20 15.65
C SER A 43 -0.46 -18.32 14.63
N ILE A 44 -0.96 -18.05 13.43
CA ILE A 44 -0.91 -19.00 12.33
C ILE A 44 0.43 -18.87 11.62
N ALA A 45 1.07 -20.00 11.33
CA ALA A 45 2.38 -19.99 10.70
C ALA A 45 2.35 -19.33 9.32
N GLY A 46 3.38 -18.55 9.02
CA GLY A 46 3.50 -17.92 7.72
C GLY A 46 2.84 -16.55 7.59
N PHE A 47 2.43 -15.94 8.72
CA PHE A 47 1.90 -14.58 8.75
C PHE A 47 2.59 -13.80 9.86
N TYR A 48 3.00 -12.57 9.56
CA TYR A 48 3.65 -11.70 10.54
C TYR A 48 3.06 -10.31 10.47
N ASP A 49 3.02 -9.61 11.62
CA ASP A 49 2.74 -8.18 11.65
C ASP A 49 4.06 -7.44 11.70
N TYR A 50 4.23 -6.45 10.83
CA TYR A 50 5.37 -5.55 10.90
C TYR A 50 5.15 -4.46 11.97
N GLY A 51 6.14 -4.32 12.86
CA GLY A 51 6.08 -3.32 13.91
C GLY A 51 6.53 -1.96 13.40
N TYR A 52 6.75 -1.04 14.35
CA TYR A 52 7.00 0.33 13.92
C TYR A 52 8.31 0.47 13.15
N LEU A 53 9.34 -0.30 13.51
CA LEU A 53 10.59 -0.25 12.75
C LEU A 53 10.50 -1.06 11.46
N GLY A 54 9.87 -2.24 11.52
CA GLY A 54 9.70 -3.03 10.32
C GLY A 54 8.92 -2.30 9.26
N THR A 55 7.88 -1.57 9.67
CA THR A 55 7.06 -0.83 8.72
C THR A 55 7.85 0.28 8.05
N LEU A 56 8.66 1.01 8.83
CA LEU A 56 9.47 2.08 8.26
C LEU A 56 10.54 1.51 7.32
N LEU A 57 11.22 0.44 7.74
CA LEU A 57 12.26 -0.13 6.91
C LEU A 57 11.69 -0.65 5.59
N LYS A 58 10.56 -1.35 5.65
CA LYS A 58 9.97 -1.88 4.42
C LYS A 58 9.53 -0.75 3.48
N ASN A 59 8.94 0.31 4.03
CA ASN A 59 8.57 1.44 3.19
C ASN A 59 9.80 2.14 2.62
N ASN A 60 10.89 2.20 3.39
CA ASN A 60 12.12 2.75 2.82
C ASN A 60 12.56 1.93 1.63
N PHE A 61 12.55 0.60 1.75
CA PHE A 61 12.93 -0.23 0.61
C PHE A 61 11.97 -0.01 -0.57
N ILE A 62 10.66 -0.05 -0.28
CA ILE A 62 9.66 0.09 -1.33
C ILE A 62 9.84 1.40 -2.11
N ASN A 63 10.10 2.50 -1.39
CA ASN A 63 10.25 3.80 -2.05
C ASN A 63 11.55 3.90 -2.84
N GLU A 64 12.65 3.35 -2.31
CA GLU A 64 13.86 3.26 -3.09
C GLU A 64 13.63 2.44 -4.35
N TRP A 65 12.91 1.32 -4.22
CA TRP A 65 12.62 0.46 -5.36
C TRP A 65 11.80 1.22 -6.40
N LYS A 66 10.66 1.78 -6.00
CA LYS A 66 9.80 2.52 -6.93
C LYS A 66 10.59 3.61 -7.65
N ASN A 67 11.31 4.44 -6.89
CA ASN A 67 12.04 5.52 -7.54
C ASN A 67 13.13 5.02 -8.48
N TYR A 68 13.74 3.88 -8.20
CA TYR A 68 14.76 3.42 -9.12
C TYR A 68 14.13 2.83 -10.38
N PHE A 69 13.21 1.87 -10.24
CA PHE A 69 12.76 1.10 -11.38
C PHE A 69 11.79 1.86 -12.25
N LEU A 70 10.90 2.67 -11.66
CA LEU A 70 9.97 3.45 -12.48
C LEU A 70 10.73 4.45 -13.34
N ARG A 71 11.81 5.01 -12.81
CA ARG A 71 12.57 6.01 -13.55
C ARG A 71 13.48 5.42 -14.62
N LEU A 72 13.51 4.09 -14.78
CA LEU A 72 14.31 3.51 -15.86
C LEU A 72 13.82 3.91 -17.24
N HIS A 73 12.56 4.31 -17.39
CA HIS A 73 12.06 4.63 -18.71
C HIS A 73 10.83 5.52 -18.57
N PRO A 74 10.59 6.48 -19.48
CA PRO A 74 9.47 7.44 -19.29
C PRO A 74 8.08 6.82 -19.34
N ASN A 75 7.93 5.62 -19.89
CA ASN A 75 6.63 4.99 -20.01
C ASN A 75 6.47 3.82 -19.04
N PHE A 76 7.15 3.89 -17.88
CA PHE A 76 6.98 2.94 -16.78
C PHE A 76 6.10 3.55 -15.68
N TRP A 77 5.08 2.80 -15.23
CA TRP A 77 4.06 3.34 -14.35
C TRP A 77 3.67 2.31 -13.30
N GLU A 78 3.40 2.80 -12.08
CA GLU A 78 2.81 1.97 -11.04
C GLU A 78 1.31 1.87 -11.26
N VAL A 79 0.78 0.67 -11.07
CA VAL A 79 -0.66 0.39 -11.01
C VAL A 79 -0.93 -0.40 -9.75
N ASP A 80 -2.19 -0.43 -9.33
CA ASP A 80 -2.58 -1.11 -8.10
C ASP A 80 -3.79 -1.99 -8.39
N PRO A 81 -3.55 -3.19 -8.94
CA PRO A 81 -4.65 -4.11 -9.25
C PRO A 81 -5.22 -4.74 -7.99
N ALA A 82 -6.49 -5.10 -8.05
CA ALA A 82 -7.12 -5.77 -6.92
C ALA A 82 -6.48 -7.14 -6.66
N ILE A 83 -6.48 -7.54 -5.40
CA ILE A 83 -5.92 -8.83 -5.00
C ILE A 83 -6.79 -9.97 -5.50
N VAL A 84 -8.11 -9.85 -5.38
CA VAL A 84 -9.01 -10.92 -5.81
C VAL A 84 -9.17 -10.86 -7.32
N MET A 85 -9.06 -12.01 -7.99
CA MET A 85 -9.18 -12.10 -9.43
C MET A 85 -10.07 -13.27 -9.84
N PRO A 86 -10.74 -13.16 -10.98
CA PRO A 86 -11.64 -14.23 -11.43
C PRO A 86 -10.89 -15.50 -11.80
N LYS A 87 -11.65 -16.60 -11.78
CA LYS A 87 -11.12 -17.94 -12.02
C LYS A 87 -10.41 -18.03 -13.36
N GLU A 88 -10.98 -17.42 -14.40
CA GLU A 88 -10.44 -17.53 -15.76
C GLU A 88 -9.05 -16.94 -15.88
N VAL A 89 -8.71 -15.97 -15.02
CA VAL A 89 -7.35 -15.45 -14.98
C VAL A 89 -6.36 -16.59 -14.86
N PHE A 90 -6.65 -17.52 -13.97
CA PHE A 90 -5.71 -18.56 -13.60
C PHE A 90 -5.86 -19.80 -14.46
N ILE A 91 -6.98 -19.93 -15.19
CA ILE A 91 -6.99 -20.81 -16.34
C ILE A 91 -5.94 -20.35 -17.33
N ALA A 92 -6.01 -19.08 -17.73
CA ALA A 92 -5.05 -18.52 -18.68
C ALA A 92 -3.61 -18.61 -18.17
N SER A 93 -3.39 -18.22 -16.91
CA SER A 93 -2.04 -18.21 -16.38
C SER A 93 -1.52 -19.61 -16.10
N GLY A 94 -2.40 -20.61 -16.02
CA GLY A 94 -1.99 -21.96 -15.73
C GLY A 94 -1.83 -22.28 -14.26
N HIS A 95 -2.15 -21.34 -13.36
CA HIS A 95 -2.00 -21.62 -11.93
C HIS A 95 -2.97 -22.70 -11.49
N LEU A 96 -4.19 -22.71 -12.04
CA LEU A 96 -5.15 -23.71 -11.61
C LEU A 96 -4.68 -25.12 -11.92
N GLU A 97 -3.96 -25.28 -13.03
CA GLU A 97 -3.51 -26.60 -13.43
C GLU A 97 -2.20 -27.00 -12.73
N ASN A 98 -1.26 -26.06 -12.58
CA ASN A 98 0.13 -26.41 -12.29
C ASN A 98 0.66 -25.95 -10.93
N PHE A 99 -0.03 -25.09 -10.21
CA PHE A 99 0.55 -24.43 -9.04
C PHE A 99 0.38 -25.32 -7.81
N ASN A 100 1.10 -26.45 -7.80
CA ASN A 100 0.87 -27.54 -6.85
C ASN A 100 2.15 -27.97 -6.15
N ASP A 101 1.98 -28.52 -4.95
CA ASP A 101 3.04 -29.14 -4.15
C ASP A 101 2.61 -30.55 -3.73
N PRO A 102 3.55 -31.50 -3.66
CA PRO A 102 3.24 -32.92 -3.37
C PRO A 102 2.72 -33.14 -1.96
N TRP A 155 -1.11 -34.08 -4.97
CA TRP A 155 -1.02 -32.72 -5.51
C TRP A 155 -1.95 -31.76 -4.78
N PHE A 156 -1.39 -30.79 -4.09
CA PHE A 156 -2.18 -29.77 -3.41
C PHE A 156 -1.92 -28.45 -4.12
N ASN A 157 -2.98 -27.84 -4.65
CA ASN A 157 -2.87 -26.51 -5.26
C ASN A 157 -2.76 -25.45 -4.16
N LEU A 158 -1.83 -24.51 -4.33
CA LEU A 158 -1.50 -23.51 -3.32
C LEU A 158 -2.36 -22.24 -3.39
N MET A 159 -3.26 -22.11 -4.35
CA MET A 159 -4.07 -20.89 -4.45
C MET A 159 -5.22 -20.90 -3.44
N PHE A 160 -5.47 -19.74 -2.81
CA PHE A 160 -6.56 -19.58 -1.84
C PHE A 160 -7.85 -19.20 -2.56
N PRO A 161 -8.88 -20.04 -2.54
CA PRO A 161 -10.17 -19.60 -3.04
C PRO A 161 -10.82 -18.61 -2.08
N ILE A 162 -11.67 -17.76 -2.64
CA ILE A 162 -12.50 -16.84 -1.88
C ILE A 162 -13.92 -16.96 -2.41
N TYR A 163 -14.88 -17.14 -1.51
CA TYR A 163 -16.25 -17.46 -1.91
C TYR A 163 -17.12 -16.20 -1.85
N ILE A 164 -17.39 -15.64 -3.02
CA ILE A 164 -18.17 -14.41 -3.17
C ILE A 164 -19.66 -14.73 -3.08
N GLY A 165 -20.37 -14.04 -2.19
CA GLY A 165 -21.79 -14.28 -2.02
C GLY A 165 -22.10 -15.11 -0.79
N PRO A 166 -23.39 -15.26 -0.47
CA PRO A 166 -23.79 -15.99 0.74
C PRO A 166 -23.94 -17.51 0.60
N ASP A 167 -23.76 -18.08 -0.59
CA ASP A 167 -24.04 -19.51 -0.77
C ASP A 167 -23.12 -20.38 0.06
N SER A 168 -21.82 -20.03 0.13
CA SER A 168 -20.87 -20.85 0.88
C SER A 168 -21.26 -20.97 2.34
N GLN A 169 -21.62 -19.84 2.95
CA GLN A 169 -22.01 -19.80 4.36
C GLN A 169 -23.23 -20.68 4.60
N GLU A 170 -24.24 -20.54 3.74
CA GLU A 170 -25.42 -21.39 3.83
C GLU A 170 -25.06 -22.85 3.62
N ALA A 171 -24.21 -23.15 2.64
CA ALA A 171 -23.83 -24.54 2.39
C ALA A 171 -23.13 -25.14 3.59
N LEU A 172 -22.10 -24.45 4.11
CA LEU A 172 -21.36 -24.97 5.25
C LEU A 172 -22.26 -25.16 6.47
N ASN A 173 -23.20 -24.23 6.70
CA ASN A 173 -24.10 -24.35 7.83
C ASN A 173 -24.95 -25.61 7.72
N LEU A 174 -25.42 -25.93 6.51
CA LEU A 174 -26.14 -27.18 6.29
C LEU A 174 -25.26 -28.39 6.56
N LEU A 175 -23.96 -28.28 6.23
CA LEU A 175 -23.07 -29.44 6.28
C LEU A 175 -22.83 -29.92 7.70
N LYS A 176 -22.74 -29.00 8.67
CA LYS A 176 -22.34 -29.39 10.01
C LYS A 176 -23.44 -30.16 10.74
N ASN A 177 -24.70 -29.74 10.58
CA ASN A 177 -25.83 -30.42 11.22
C ASN A 177 -26.35 -31.59 10.40
N LEU A 178 -25.61 -32.01 9.38
CA LEU A 178 -26.04 -33.07 8.47
C LEU A 178 -25.93 -34.43 9.13
N LYS A 179 -26.87 -35.31 8.79
CA LYS A 179 -26.95 -36.67 9.30
C LYS A 179 -27.44 -37.57 8.17
N GLU A 180 -27.19 -38.87 8.31
CA GLU A 180 -27.57 -39.83 7.28
C GLU A 180 -29.09 -40.03 7.20
N ASN A 181 -29.83 -39.64 8.24
CA ASN A 181 -31.27 -39.83 8.31
C ASN A 181 -32.05 -38.61 7.82
N VAL A 182 -31.42 -37.74 7.02
CA VAL A 182 -32.10 -36.56 6.49
C VAL A 182 -32.96 -36.93 5.28
N SER A 183 -33.87 -36.03 4.93
CA SER A 183 -34.62 -36.14 3.69
C SER A 183 -33.73 -35.72 2.51
N GLU A 184 -34.12 -36.15 1.32
CA GLU A 184 -33.40 -35.74 0.12
C GLU A 184 -33.35 -34.22 -0.02
N GLN A 185 -34.33 -33.52 0.58
CA GLN A 185 -34.36 -32.07 0.52
C GLN A 185 -33.10 -31.46 1.14
N TYR A 186 -32.74 -31.91 2.34
CA TYR A 186 -31.52 -31.44 2.98
C TYR A 186 -30.29 -31.72 2.11
N ILE A 187 -30.26 -32.87 1.44
CA ILE A 187 -29.18 -33.17 0.51
C ILE A 187 -29.27 -32.26 -0.71
N LYS A 188 -30.48 -32.09 -1.25
CA LYS A 188 -30.67 -31.20 -2.40
C LYS A 188 -30.20 -29.79 -2.07
N ASP A 189 -30.53 -29.29 -0.87
CA ASP A 189 -30.16 -27.94 -0.50
C ASP A 189 -28.66 -27.77 -0.46
N ILE A 190 -27.93 -28.79 0.00
CA ILE A 190 -26.47 -28.74 0.05
C ILE A 190 -25.88 -28.67 -1.36
N ILE A 191 -26.38 -29.53 -2.26
CA ILE A 191 -25.83 -29.61 -3.61
C ILE A 191 -26.08 -28.33 -4.39
N GLU A 192 -27.26 -27.74 -4.22
CA GLU A 192 -27.60 -26.50 -4.92
C GLU A 192 -26.78 -25.33 -4.40
N ARG A 193 -26.60 -25.23 -3.08
CA ARG A 193 -25.78 -24.16 -2.53
C ARG A 193 -24.34 -24.25 -3.04
N VAL A 194 -23.76 -25.45 -2.99
CA VAL A 194 -22.41 -25.64 -3.52
C VAL A 194 -22.35 -25.34 -5.01
N LYS A 195 -23.41 -25.65 -5.75
CA LYS A 195 -23.42 -25.33 -7.17
C LYS A 195 -23.27 -23.84 -7.39
N LYS A 196 -23.91 -23.03 -6.54
CA LYS A 196 -23.79 -21.58 -6.63
C LYS A 196 -22.48 -21.07 -6.05
N MET A 197 -21.93 -21.77 -5.05
CA MET A 197 -20.68 -21.37 -4.43
C MET A 197 -19.49 -21.52 -5.38
N VAL A 198 -19.39 -22.67 -6.05
CA VAL A 198 -18.32 -22.90 -7.02
C VAL A 198 -18.45 -21.94 -8.19
N GLU A 199 -19.69 -21.69 -8.64
CA GLU A 199 -19.93 -20.71 -9.68
C GLU A 199 -19.43 -19.33 -9.27
N ASN A 200 -19.56 -18.99 -8.00
CA ASN A 200 -19.18 -17.67 -7.49
C ASN A 200 -17.83 -17.66 -6.79
N GLU A 201 -16.89 -18.47 -7.28
CA GLU A 201 -15.61 -18.65 -6.60
C GLU A 201 -14.53 -17.86 -7.33
N ALA A 202 -13.82 -17.03 -6.60
CA ALA A 202 -12.66 -16.37 -7.16
C ALA A 202 -11.44 -16.82 -6.34
N TYR A 203 -10.30 -16.15 -6.56
CA TYR A 203 -9.07 -16.51 -5.88
C TYR A 203 -8.32 -15.28 -5.41
N LEU A 204 -7.65 -15.42 -4.28
CA LEU A 204 -6.63 -14.46 -3.89
C LEU A 204 -5.42 -14.67 -4.78
N ARG A 205 -4.97 -13.61 -5.45
CA ARG A 205 -3.89 -13.80 -6.40
C ARG A 205 -2.66 -14.39 -5.73
N PRO A 206 -2.01 -15.37 -6.34
CA PRO A 206 -0.75 -15.91 -5.82
C PRO A 206 0.48 -15.15 -6.29
N GLU A 207 0.30 -14.16 -7.15
CA GLU A 207 1.38 -13.30 -7.60
C GLU A 207 0.77 -12.02 -8.16
N THR A 208 1.52 -10.93 -8.11
CA THR A 208 0.99 -9.66 -8.60
C THR A 208 1.07 -9.53 -10.11
N ALA A 209 1.88 -10.36 -10.79
CA ALA A 209 2.10 -10.19 -12.22
C ALA A 209 0.81 -10.23 -13.03
N GLN A 210 -0.18 -11.02 -12.58
CA GLN A 210 -1.40 -11.15 -13.35
C GLN A 210 -2.14 -9.83 -13.50
N GLY A 211 -1.96 -8.90 -12.55
CA GLY A 211 -2.59 -7.61 -12.58
C GLY A 211 -2.26 -6.80 -13.82
N PRO A 212 -0.97 -6.46 -13.98
CA PRO A 212 -0.54 -5.81 -15.23
C PRO A 212 -0.98 -6.55 -16.49
N TYR A 213 -0.93 -7.89 -16.51
CA TYR A 213 -1.32 -8.60 -17.74
C TYR A 213 -2.78 -8.33 -18.09
N VAL A 214 -3.67 -8.33 -17.10
CA VAL A 214 -5.08 -8.13 -17.45
C VAL A 214 -5.40 -6.66 -17.65
N MET A 215 -4.55 -5.76 -17.17
CA MET A 215 -4.70 -4.32 -17.32
C MET A 215 -4.01 -3.77 -18.56
N PHE A 216 -3.17 -4.58 -19.22
CA PHE A 216 -2.34 -4.10 -20.32
C PHE A 216 -3.18 -3.44 -21.41
N LYS A 217 -4.29 -4.06 -21.78
CA LYS A 217 -5.06 -3.60 -22.93
C LYS A 217 -5.48 -2.15 -22.76
N ARG A 218 -6.11 -1.81 -21.64
CA ARG A 218 -6.50 -0.43 -21.41
C ARG A 218 -5.29 0.48 -21.24
N GLU A 219 -4.34 0.11 -20.37
CA GLU A 219 -3.21 1.00 -20.14
C GLU A 219 -2.41 1.28 -21.41
N PHE A 220 -2.30 0.29 -22.30
CA PHE A 220 -1.54 0.50 -23.52
C PHE A 220 -2.13 1.62 -24.37
N ILE A 221 -3.45 1.70 -24.44
CA ILE A 221 -4.09 2.79 -25.17
C ILE A 221 -3.85 4.12 -24.49
N LEU A 222 -4.12 4.19 -23.18
CA LEU A 222 -3.96 5.43 -22.42
C LEU A 222 -2.58 6.06 -22.57
N HIS A 223 -1.53 5.24 -22.71
CA HIS A 223 -0.20 5.81 -22.89
C HIS A 223 0.16 5.96 -24.38
N ARG A 224 -0.87 6.15 -25.23
CA ARG A 224 -0.73 6.54 -26.64
C ARG A 224 -0.12 5.41 -27.47
N GLN A 225 -0.40 4.16 -27.08
CA GLN A 225 0.03 2.99 -27.83
C GLN A 225 1.54 2.97 -28.04
N LYS A 226 2.30 3.35 -27.02
CA LYS A 226 3.76 3.31 -27.10
C LYS A 226 4.32 2.04 -26.47
N LEU A 227 5.36 1.49 -27.11
CA LEU A 227 6.21 0.46 -26.51
C LEU A 227 7.64 0.97 -26.43
N PRO A 228 8.40 0.58 -25.39
CA PRO A 228 7.98 -0.25 -24.27
C PRO A 228 6.93 0.41 -23.37
N LEU A 229 6.13 -0.43 -22.70
CA LEU A 229 5.26 -0.01 -21.61
C LEU A 229 5.61 -0.85 -20.40
N GLY A 230 5.89 -0.19 -19.28
CA GLY A 230 6.13 -0.87 -18.01
C GLY A 230 5.00 -0.64 -17.03
N LEU A 231 4.45 -1.73 -16.50
CA LEU A 231 3.46 -1.67 -15.43
C LEU A 231 4.06 -2.36 -14.20
N ALA A 232 4.24 -1.60 -13.11
CA ALA A 232 4.82 -2.09 -11.87
C ALA A 232 3.75 -2.19 -10.79
N VAL A 233 3.85 -3.22 -9.94
CA VAL A 233 2.94 -3.44 -8.82
C VAL A 233 3.76 -3.68 -7.56
N VAL A 234 3.40 -3.00 -6.47
CA VAL A 234 3.96 -3.31 -5.17
C VAL A 234 2.77 -3.69 -4.30
N GLY A 235 2.50 -4.99 -4.14
CA GLY A 235 1.25 -5.40 -3.51
C GLY A 235 1.28 -6.80 -2.94
N LYS A 236 0.19 -7.15 -2.24
CA LYS A 236 0.05 -8.43 -1.55
C LYS A 236 -0.20 -9.61 -2.50
N ALA A 237 0.31 -10.77 -2.12
CA ALA A 237 -0.04 -12.03 -2.74
C ALA A 237 -0.14 -13.10 -1.66
N PHE A 238 -0.80 -14.21 -2.00
CA PHE A 238 -1.20 -15.21 -1.02
C PHE A 238 -0.93 -16.60 -1.56
N ARG A 239 -0.33 -17.45 -0.73
CA ARG A 239 -0.08 -18.83 -1.10
C ARG A 239 -0.28 -19.72 0.11
N ASN A 240 -1.10 -20.77 -0.07
CA ASN A 240 -1.40 -21.71 1.01
C ASN A 240 -0.25 -22.71 1.20
N GLU A 241 0.90 -22.17 1.61
CA GLU A 241 2.10 -22.98 1.78
C GLU A 241 1.87 -24.04 2.85
N ILE A 242 2.23 -25.28 2.53
CA ILE A 242 2.06 -26.38 3.47
C ILE A 242 2.92 -26.14 4.71
N SER A 243 4.18 -25.77 4.52
CA SER A 243 5.14 -25.62 5.61
C SER A 243 5.88 -24.29 5.55
N PRO A 244 5.28 -23.21 6.05
CA PRO A 244 6.02 -21.96 6.18
C PRO A 244 7.21 -22.13 7.11
N ARG A 245 8.27 -21.39 6.85
CA ARG A 245 9.51 -21.53 7.60
C ARG A 245 10.37 -20.30 7.38
N GLN A 246 11.38 -20.18 8.25
CA GLN A 246 12.45 -19.20 8.14
C GLN A 246 11.96 -17.75 8.08
N LEU A 247 11.05 -17.41 9.00
CA LEU A 247 10.60 -16.02 9.19
C LEU A 247 10.02 -15.52 7.88
N LEU A 248 10.57 -14.47 7.29
CA LEU A 248 10.00 -13.82 6.11
C LEU A 248 10.34 -14.52 4.80
N LEU A 249 11.14 -15.60 4.82
CA LEU A 249 11.52 -16.22 3.55
C LEU A 249 10.36 -17.00 2.93
N ARG A 250 9.62 -17.77 3.73
CA ARG A 250 8.55 -18.62 3.22
C ARG A 250 7.24 -18.27 3.94
N LEU A 251 6.43 -17.42 3.30
CA LEU A 251 5.24 -16.85 3.91
C LEU A 251 3.99 -17.36 3.21
N ARG A 252 2.86 -17.21 3.89
CA ARG A 252 1.57 -17.41 3.26
C ARG A 252 0.94 -16.10 2.79
N GLU A 253 1.34 -14.98 3.40
CA GLU A 253 0.95 -13.64 2.96
C GLU A 253 2.21 -12.79 2.91
N PHE A 254 2.43 -12.12 1.76
CA PHE A 254 3.70 -11.43 1.52
C PHE A 254 3.48 -10.32 0.50
N THR A 255 4.49 -9.48 0.36
CA THR A 255 4.47 -8.40 -0.62
C THR A 255 5.51 -8.66 -1.71
N GLN A 256 5.09 -8.55 -2.97
CA GLN A 256 5.99 -8.54 -4.12
C GLN A 256 6.07 -7.14 -4.69
N ALA A 257 7.22 -6.83 -5.27
CA ALA A 257 7.41 -5.69 -6.15
C ALA A 257 7.84 -6.24 -7.49
N GLU A 258 7.07 -5.94 -8.54
CA GLU A 258 7.35 -6.52 -9.85
C GLU A 258 7.11 -5.47 -10.90
N LEU A 259 8.09 -5.30 -11.78
CA LEU A 259 7.96 -4.49 -12.98
C LEU A 259 7.76 -5.41 -14.19
N GLN A 260 6.61 -5.30 -14.85
CA GLN A 260 6.34 -6.01 -16.10
C GLN A 260 6.65 -5.08 -17.27
N ILE A 261 7.60 -5.46 -18.11
CA ILE A 261 8.00 -4.63 -19.24
C ILE A 261 7.45 -5.27 -20.52
N PHE A 262 6.49 -4.59 -21.14
CA PHE A 262 5.94 -5.02 -22.42
C PHE A 262 6.73 -4.31 -23.51
N PHE A 263 7.25 -5.07 -24.47
CA PHE A 263 8.21 -4.48 -25.39
C PHE A 263 8.19 -5.21 -26.74
N ASP A 264 8.76 -4.54 -27.73
CA ASP A 264 8.91 -5.09 -29.07
C ASP A 264 10.28 -5.75 -29.16
N PRO A 265 10.36 -7.07 -29.27
CA PRO A 265 11.67 -7.72 -29.32
C PRO A 265 12.45 -7.45 -30.59
N GLU A 266 11.88 -6.71 -31.55
CA GLU A 266 12.54 -6.40 -32.80
C GLU A 266 13.18 -5.01 -32.85
N ASP A 267 13.21 -4.25 -31.76
CA ASP A 267 13.97 -3.02 -31.80
C ASP A 267 14.76 -2.77 -30.53
N ASN A 268 15.86 -2.03 -30.69
CA ASN A 268 16.82 -1.75 -29.61
C ASN A 268 16.30 -0.60 -28.75
N GLU A 269 15.27 -0.91 -27.96
CA GLU A 269 14.69 0.11 -27.08
C GLU A 269 15.65 0.53 -25.97
N PHE A 270 16.50 -0.39 -25.49
CA PHE A 270 17.35 -0.14 -24.34
C PHE A 270 18.82 -0.23 -24.72
N ASP A 271 19.61 0.75 -24.27
CA ASP A 271 20.97 0.97 -24.73
C ASP A 271 21.96 0.30 -23.78
N ILE A 272 22.54 -0.83 -24.22
CA ILE A 272 23.50 -1.57 -23.41
C ILE A 272 24.70 -0.74 -23.01
N ASN A 273 25.01 0.33 -23.77
CA ASN A 273 26.13 1.21 -23.42
C ASN A 273 25.99 1.86 -22.06
N GLU A 274 24.76 1.93 -21.52
CA GLU A 274 24.57 2.49 -20.18
C GLU A 274 25.17 1.59 -19.11
N VAL A 275 25.20 0.27 -19.33
CA VAL A 275 25.61 -0.65 -18.27
C VAL A 275 26.65 -1.67 -18.74
N LYS A 276 27.22 -1.47 -19.92
CA LYS A 276 28.04 -2.52 -20.52
C LYS A 276 29.22 -2.91 -19.62
N ASP A 277 29.80 -1.94 -18.90
CA ASP A 277 30.91 -2.19 -17.99
C ASP A 277 30.49 -2.47 -16.55
N VAL A 278 29.20 -2.58 -16.25
CA VAL A 278 28.80 -3.00 -14.92
C VAL A 278 29.31 -4.41 -14.65
N GLU A 279 29.86 -4.63 -13.45
CA GLU A 279 30.44 -5.91 -13.09
C GLU A 279 29.62 -6.59 -11.98
N LEU A 280 29.56 -7.91 -12.06
CA LEU A 280 28.65 -8.68 -11.23
C LEU A 280 29.20 -10.07 -10.99
N ASN A 281 28.79 -10.65 -9.88
CA ASN A 281 29.08 -12.04 -9.61
C ASN A 281 28.02 -12.87 -10.31
N PHE A 282 28.44 -13.74 -11.22
CA PHE A 282 27.53 -14.49 -12.07
C PHE A 282 27.80 -15.98 -11.90
N LEU A 283 26.78 -16.72 -11.51
CA LEU A 283 26.81 -18.17 -11.45
C LEU A 283 25.96 -18.72 -12.60
N ASP A 284 26.62 -19.13 -13.70
CA ASP A 284 25.88 -19.55 -14.88
C ASP A 284 25.25 -20.91 -14.63
N LYS A 285 24.44 -21.36 -15.60
CA LYS A 285 23.67 -22.58 -15.35
C LYS A 285 24.51 -23.85 -15.38
N GLU A 286 25.77 -23.77 -15.82
CA GLU A 286 26.68 -24.90 -15.77
C GLU A 286 27.45 -24.96 -14.46
N GLY A 287 27.19 -24.05 -13.53
CA GLY A 287 27.86 -24.05 -12.25
C GLY A 287 29.12 -23.23 -12.18
N ASN A 288 29.44 -22.45 -13.22
CA ASN A 288 30.64 -21.63 -13.23
C ASN A 288 30.38 -20.30 -12.52
N TYR A 289 31.12 -20.05 -11.43
CA TYR A 289 31.01 -18.82 -10.65
C TYR A 289 32.14 -17.87 -11.06
N LYS A 290 31.76 -16.75 -11.64
CA LYS A 290 32.73 -15.84 -12.23
C LYS A 290 32.32 -14.39 -11.98
N ARG A 291 33.33 -13.53 -11.99
CA ARG A 291 33.16 -12.10 -12.08
C ARG A 291 33.10 -11.74 -13.55
N ILE A 292 32.12 -10.93 -13.95
CA ILE A 292 31.90 -10.70 -15.37
C ILE A 292 31.24 -9.35 -15.57
N LYS A 293 31.51 -8.74 -16.72
CA LYS A 293 30.87 -7.50 -17.16
C LYS A 293 29.58 -7.81 -17.89
N VAL A 294 28.61 -6.91 -17.73
CA VAL A 294 27.30 -7.08 -18.37
C VAL A 294 27.45 -7.38 -19.85
N LYS A 295 28.35 -6.68 -20.53
CA LYS A 295 28.49 -6.89 -21.98
C LYS A 295 28.89 -8.31 -22.32
N ASP A 296 29.50 -9.05 -21.40
CA ASP A 296 29.95 -10.42 -21.62
C ASP A 296 28.94 -11.47 -21.17
N LEU A 297 27.75 -11.07 -20.72
CA LEU A 297 26.75 -12.03 -20.28
C LEU A 297 26.22 -12.84 -21.45
N PRO A 298 25.83 -14.11 -21.21
CA PRO A 298 25.32 -15.00 -22.27
C PRO A 298 23.84 -14.80 -22.59
N PHE A 299 23.46 -13.55 -22.86
CA PHE A 299 22.06 -13.22 -23.06
C PHE A 299 21.97 -12.13 -24.12
N PRO A 300 20.84 -12.00 -24.78
CA PRO A 300 20.56 -10.84 -25.64
C PRO A 300 20.79 -9.51 -24.93
N GLU A 301 20.98 -8.41 -25.68
CA GLU A 301 21.31 -7.13 -25.07
C GLU A 301 20.17 -6.60 -24.21
N PHE A 302 18.91 -6.83 -24.62
CA PHE A 302 17.81 -6.27 -23.83
C PHE A 302 17.74 -6.91 -22.46
N TYR A 303 18.07 -8.19 -22.36
CA TYR A 303 18.04 -8.90 -21.09
C TYR A 303 19.25 -8.55 -20.22
N ALA A 304 20.44 -8.56 -20.81
CA ALA A 304 21.65 -8.18 -20.07
C ALA A 304 21.56 -6.75 -19.55
N TYR A 305 20.99 -5.84 -20.34
CA TYR A 305 20.75 -4.47 -19.91
C TYR A 305 20.06 -4.43 -18.55
N PHE A 306 18.99 -5.22 -18.39
CA PHE A 306 18.28 -5.16 -17.12
C PHE A 306 18.97 -5.92 -16.00
N VAL A 307 19.75 -6.96 -16.30
CA VAL A 307 20.64 -7.50 -15.27
C VAL A 307 21.56 -6.39 -14.78
N GLY A 308 22.06 -5.57 -15.70
CA GLY A 308 22.88 -4.46 -15.31
C GLY A 308 22.14 -3.47 -14.44
N LYS A 309 20.94 -3.07 -14.86
CA LYS A 309 20.18 -2.10 -14.04
C LYS A 309 19.84 -2.67 -12.68
N VAL A 310 19.45 -3.95 -12.63
CA VAL A 310 19.15 -4.55 -11.34
C VAL A 310 20.38 -4.57 -10.44
N LYS A 311 21.54 -4.89 -11.02
CA LYS A 311 22.77 -4.89 -10.21
C LYS A 311 23.01 -3.53 -9.58
N GLN A 312 22.89 -2.46 -10.38
CA GLN A 312 23.16 -1.12 -9.85
C GLN A 312 22.16 -0.73 -8.77
N PHE A 313 20.92 -1.24 -8.82
CA PHE A 313 19.98 -1.00 -7.74
C PHE A 313 20.53 -1.53 -6.43
N TYR A 314 21.05 -2.75 -6.45
CA TYR A 314 21.54 -3.32 -5.22
C TYR A 314 22.85 -2.67 -4.79
N GLU A 315 23.69 -2.26 -5.73
CA GLU A 315 24.88 -1.47 -5.37
C GLU A 315 24.49 -0.24 -4.59
N ARG A 316 23.44 0.47 -5.05
CA ARG A 316 23.04 1.71 -4.38
C ARG A 316 22.29 1.44 -3.09
N LEU A 317 21.65 0.28 -2.98
CA LEU A 317 21.06 -0.11 -1.72
C LEU A 317 22.14 -0.34 -0.66
N GLY A 318 23.37 -0.62 -1.07
CA GLY A 318 24.46 -0.88 -0.14
C GLY A 318 24.75 -2.32 0.16
N ILE A 319 24.29 -3.26 -0.66
CA ILE A 319 24.55 -4.69 -0.42
C ILE A 319 26.05 -4.96 -0.58
N PRO A 320 26.70 -5.65 0.34
CA PRO A 320 28.14 -5.95 0.17
C PRO A 320 28.35 -6.77 -1.09
N GLU A 321 29.34 -6.37 -1.89
CA GLU A 321 29.51 -6.95 -3.22
C GLU A 321 29.72 -8.46 -3.15
N GLU A 322 30.50 -8.91 -2.17
CA GLU A 322 30.75 -10.33 -1.93
C GLU A 322 29.50 -11.14 -1.68
N ARG A 323 28.43 -10.51 -1.19
CA ARG A 323 27.24 -11.24 -0.78
C ARG A 323 26.08 -11.09 -1.77
N LEU A 324 26.36 -10.62 -2.98
CA LEU A 324 25.39 -10.47 -4.05
C LEU A 324 25.84 -11.27 -5.26
N ARG A 325 24.96 -12.13 -5.79
CA ARG A 325 25.25 -12.80 -7.04
C ARG A 325 23.97 -13.02 -7.83
N PHE A 326 24.14 -13.35 -9.11
CA PHE A 326 23.04 -13.59 -10.05
C PHE A 326 23.19 -15.02 -10.60
N ARG A 327 22.17 -15.84 -10.42
CA ARG A 327 22.25 -17.24 -10.77
C ARG A 327 21.32 -17.55 -11.94
N GLU A 328 21.91 -17.97 -13.06
CA GLU A 328 21.15 -18.41 -14.22
C GLU A 328 20.66 -19.84 -14.00
N LEU A 329 19.35 -20.06 -14.11
CA LEU A 329 18.76 -21.36 -13.82
C LEU A 329 18.79 -22.25 -15.06
N SER A 330 18.99 -23.55 -14.83
CA SER A 330 19.08 -24.49 -15.94
C SER A 330 17.71 -24.74 -16.54
N GLU A 331 17.73 -25.39 -17.71
CA GLU A 331 16.49 -25.71 -18.42
C GLU A 331 15.54 -26.53 -17.57
N LYS A 332 16.07 -27.40 -16.71
CA LYS A 332 15.19 -28.21 -15.88
C LYS A 332 14.80 -27.54 -14.57
N GLU A 333 15.59 -26.58 -14.08
CA GLU A 333 15.21 -25.92 -12.83
C GLU A 333 14.28 -24.74 -13.03
N LYS A 334 14.36 -24.06 -14.17
CA LYS A 334 13.62 -22.81 -14.38
C LYS A 334 12.15 -23.08 -14.61
N ALA A 335 11.33 -22.07 -14.33
CA ALA A 335 9.91 -22.14 -14.67
C ALA A 335 9.79 -22.30 -16.18
N PHE A 336 8.75 -23.02 -16.61
CA PHE A 336 8.78 -23.51 -17.98
C PHE A 336 8.69 -22.38 -19.00
N TYR A 337 7.91 -21.34 -18.70
CA TYR A 337 7.72 -20.28 -19.67
C TYR A 337 8.73 -19.15 -19.52
N ASN A 338 9.68 -19.27 -18.59
CA ASN A 338 10.81 -18.35 -18.55
C ASN A 338 11.86 -18.86 -19.55
N LYS A 339 11.95 -18.22 -20.72
CA LYS A 339 13.02 -18.54 -21.65
C LYS A 339 14.38 -18.28 -21.02
N TYR A 340 14.48 -17.20 -20.22
CA TYR A 340 15.64 -16.93 -19.39
C TYR A 340 15.16 -16.68 -17.97
N HIS A 341 15.88 -17.24 -17.00
CA HIS A 341 15.52 -17.15 -15.59
C HIS A 341 16.80 -16.94 -14.80
N VAL A 342 17.01 -15.73 -14.31
CA VAL A 342 18.16 -15.41 -13.47
C VAL A 342 17.62 -14.96 -12.13
N ASP A 343 18.00 -15.69 -11.07
CA ASP A 343 17.66 -15.32 -9.70
C ASP A 343 18.67 -14.33 -9.13
N ILE A 344 18.16 -13.32 -8.44
CA ILE A 344 18.99 -12.40 -7.67
C ILE A 344 19.15 -13.03 -6.29
N GLU A 345 20.40 -13.27 -5.87
CA GLU A 345 20.60 -14.00 -4.63
C GLU A 345 21.50 -13.21 -3.69
N ILE A 346 21.15 -13.24 -2.42
CA ILE A 346 21.91 -12.55 -1.38
C ILE A 346 22.37 -13.61 -0.39
N ASN A 347 23.63 -13.49 0.05
CA ASN A 347 24.18 -14.44 1.01
C ASN A 347 23.82 -13.94 2.41
N PHE A 348 22.71 -14.47 2.95
CA PHE A 348 22.24 -14.13 4.29
C PHE A 348 23.17 -14.72 5.33
N PRO A 349 23.79 -13.91 6.22
CA PRO A 349 24.61 -14.49 7.31
C PRO A 349 23.94 -15.63 8.06
N THR A 350 22.62 -15.62 8.20
CA THR A 350 21.91 -16.68 8.95
C THR A 350 21.44 -17.84 8.07
N TYR A 351 21.11 -17.62 6.80
CA TYR A 351 20.47 -18.66 5.98
C TYR A 351 21.28 -19.08 4.78
N GLY A 352 22.36 -18.39 4.45
CA GLY A 352 23.08 -18.71 3.24
C GLY A 352 22.47 -18.00 2.05
N TRP A 353 22.91 -18.42 0.86
CA TRP A 353 22.46 -17.80 -0.38
C TRP A 353 20.98 -18.07 -0.57
N LYS A 354 20.20 -17.01 -0.81
CA LYS A 354 18.76 -17.11 -0.99
C LYS A 354 18.34 -16.11 -2.04
N GLU A 355 17.44 -16.51 -2.93
CA GLU A 355 16.93 -15.54 -3.89
C GLU A 355 16.04 -14.51 -3.19
N VAL A 356 16.20 -13.26 -3.59
CA VAL A 356 15.33 -12.17 -3.17
C VAL A 356 14.61 -11.53 -4.35
N GLY A 357 14.82 -12.06 -5.56
CA GLY A 357 14.09 -11.62 -6.73
C GLY A 357 14.58 -12.39 -7.93
N GLY A 358 14.03 -12.04 -9.10
CA GLY A 358 14.44 -12.68 -10.33
C GLY A 358 14.13 -11.85 -11.56
N ILE A 359 14.83 -12.20 -12.65
CA ILE A 359 14.71 -11.56 -13.95
C ILE A 359 14.27 -12.64 -14.94
N HIS A 360 13.05 -12.53 -15.46
CA HIS A 360 12.44 -13.61 -16.22
C HIS A 360 12.03 -13.06 -17.58
N TYR A 361 12.58 -13.64 -18.64
CA TYR A 361 12.11 -13.35 -20.00
C TYR A 361 11.04 -14.37 -20.36
N ARG A 362 9.83 -13.91 -20.64
CA ARG A 362 8.69 -14.80 -20.80
C ARG A 362 8.13 -14.78 -22.22
N THR A 363 8.93 -14.33 -23.20
CA THR A 363 8.50 -14.13 -24.57
C THR A 363 7.09 -13.56 -24.63
N ASP A 364 6.21 -14.18 -25.41
CA ASP A 364 4.84 -13.70 -25.55
C ASP A 364 3.84 -14.61 -24.86
N HIS A 365 4.30 -15.46 -23.94
CA HIS A 365 3.43 -16.42 -23.29
C HIS A 365 2.25 -15.77 -22.57
N ASP A 366 2.50 -14.68 -21.83
CA ASP A 366 1.49 -14.22 -20.89
C ASP A 366 0.29 -13.62 -21.61
N LEU A 367 0.51 -12.62 -22.46
CA LEU A 367 -0.61 -12.00 -23.15
C LEU A 367 -1.26 -12.95 -24.15
N SER A 368 -0.50 -13.91 -24.70
CA SER A 368 -1.11 -14.89 -25.62
C SER A 368 -2.11 -15.76 -24.89
N GLY A 369 -1.75 -16.27 -23.71
CA GLY A 369 -2.71 -17.02 -22.92
C GLY A 369 -3.94 -16.20 -22.53
N HIS A 370 -3.74 -14.94 -22.19
CA HIS A 370 -4.90 -14.14 -21.78
C HIS A 370 -5.76 -13.74 -22.97
N MET A 371 -5.13 -13.45 -24.11
CA MET A 371 -5.91 -13.24 -25.32
C MET A 371 -6.75 -14.47 -25.66
N LYS A 372 -6.14 -15.66 -25.56
CA LYS A 372 -6.85 -16.90 -25.88
C LYS A 372 -8.06 -17.11 -25.00
N VAL A 373 -7.89 -17.01 -23.67
CA VAL A 373 -8.98 -17.33 -22.75
C VAL A 373 -10.00 -16.20 -22.69
N SER A 374 -9.56 -14.94 -22.71
CA SER A 374 -10.49 -13.84 -22.49
C SER A 374 -11.31 -13.50 -23.73
N GLY A 375 -10.77 -13.75 -24.92
CA GLY A 375 -11.41 -13.32 -26.15
C GLY A 375 -11.09 -11.91 -26.57
N LYS A 376 -10.24 -11.19 -25.82
CA LYS A 376 -9.93 -9.79 -26.10
C LYS A 376 -8.62 -9.69 -26.88
N ASP A 377 -8.56 -8.72 -27.78
CA ASP A 377 -7.38 -8.53 -28.64
C ASP A 377 -6.28 -7.86 -27.82
N LEU A 378 -5.21 -8.61 -27.53
CA LEU A 378 -4.09 -8.09 -26.76
C LEU A 378 -2.89 -7.80 -27.64
N THR A 379 -3.08 -7.78 -28.95
CA THR A 379 -1.99 -7.49 -29.86
C THR A 379 -1.77 -6.00 -29.97
N VAL A 380 -0.61 -5.64 -30.50
CA VAL A 380 -0.18 -4.28 -30.74
C VAL A 380 0.12 -4.14 -32.22
N GLN A 381 -0.15 -2.96 -32.78
CA GLN A 381 0.04 -2.73 -34.21
C GLN A 381 1.33 -1.95 -34.48
N LYS A 382 2.15 -2.48 -35.39
CA LYS A 382 3.32 -1.77 -35.92
C LYS A 382 3.46 -2.09 -37.41
N ASP A 383 3.41 -1.05 -38.25
CA ASP A 383 3.84 -1.12 -39.65
C ASP A 383 3.07 -2.20 -40.44
N ASN A 384 1.74 -2.06 -40.46
CA ASN A 384 0.84 -3.04 -41.06
C ASN A 384 0.99 -4.44 -40.46
N LYS A 385 1.55 -4.54 -39.26
CA LYS A 385 1.70 -5.82 -38.59
C LYS A 385 1.18 -5.73 -37.16
N LYS A 386 0.58 -6.83 -36.71
CA LYS A 386 0.10 -6.96 -35.35
C LYS A 386 0.84 -8.11 -34.67
N PHE A 387 1.12 -7.95 -33.37
CA PHE A 387 1.87 -8.98 -32.66
C PHE A 387 1.60 -8.86 -31.18
N ILE A 388 1.90 -9.93 -30.47
CA ILE A 388 1.72 -9.99 -29.03
C ILE A 388 2.99 -9.45 -28.38
N PRO A 389 2.91 -8.34 -27.64
CA PRO A 389 4.11 -7.82 -26.96
C PRO A 389 4.78 -8.89 -26.11
N HIS A 390 6.10 -8.86 -26.10
CA HIS A 390 6.82 -9.72 -25.20
C HIS A 390 6.91 -9.07 -23.82
N VAL A 391 7.15 -9.90 -22.80
CA VAL A 391 7.22 -9.47 -21.40
C VAL A 391 8.59 -9.79 -20.85
N LEU A 392 9.25 -8.79 -20.27
CA LEU A 392 10.39 -9.01 -19.40
C LEU A 392 9.96 -8.67 -17.97
N GLU A 393 10.10 -9.61 -17.06
CA GLU A 393 9.60 -9.45 -15.71
C GLU A 393 10.76 -9.30 -14.74
N LEU A 394 10.73 -8.26 -13.93
CA LEU A 394 11.68 -8.08 -12.83
C LEU A 394 10.86 -8.17 -11.54
N SER A 395 11.05 -9.26 -10.81
CA SER A 395 10.21 -9.61 -9.68
C SER A 395 11.06 -9.65 -8.41
N PHE A 396 10.50 -9.13 -7.31
CA PHE A 396 11.23 -9.02 -6.05
C PHE A 396 10.32 -9.35 -4.89
N GLY A 397 10.75 -10.26 -4.02
CA GLY A 397 10.07 -10.48 -2.77
C GLY A 397 10.38 -9.38 -1.76
N VAL A 398 9.42 -8.48 -1.49
CA VAL A 398 9.71 -7.36 -0.59
C VAL A 398 10.09 -7.85 0.81
N ASP A 399 9.34 -8.81 1.36
CA ASP A 399 9.64 -9.30 2.71
C ASP A 399 11.02 -9.94 2.78
N ARG A 400 11.40 -10.67 1.72
CA ARG A 400 12.74 -11.26 1.65
C ARG A 400 13.83 -10.20 1.57
N ASN A 401 13.60 -9.12 0.80
CA ASN A 401 14.64 -8.09 0.76
C ASN A 401 14.78 -7.41 2.12
N VAL A 402 13.66 -7.24 2.84
CA VAL A 402 13.69 -6.58 4.14
C VAL A 402 14.45 -7.44 5.14
N LEU A 403 14.21 -8.75 5.14
CA LEU A 403 14.97 -9.64 6.00
C LEU A 403 16.46 -9.60 5.68
N ALA A 404 16.80 -9.44 4.39
CA ALA A 404 18.20 -9.32 4.00
C ALA A 404 18.83 -8.06 4.58
N LEU A 405 18.07 -6.96 4.64
CA LEU A 405 18.63 -5.73 5.20
C LEU A 405 18.91 -5.89 6.69
N ILE A 406 18.10 -6.67 7.38
CA ILE A 406 18.31 -6.95 8.79
C ILE A 406 19.51 -7.89 8.96
N ASP A 407 19.39 -9.11 8.40
CA ASP A 407 20.41 -10.13 8.57
C ASP A 407 21.79 -9.67 8.12
N LEU A 408 21.88 -8.90 7.03
CA LEU A 408 23.19 -8.51 6.51
C LEU A 408 23.91 -7.48 7.37
N PHE A 409 23.19 -6.69 8.15
CA PHE A 409 23.80 -5.56 8.82
C PHE A 409 23.72 -5.65 10.34
N LEU A 410 23.15 -6.72 10.88
CA LEU A 410 23.05 -6.90 12.32
C LEU A 410 24.36 -7.50 12.83
N THR A 411 25.10 -6.72 13.61
CA THR A 411 26.49 -7.01 13.95
C THR A 411 26.70 -7.02 15.46
N GLU A 412 27.29 -8.09 15.99
CA GLU A 412 27.78 -8.10 17.36
C GLU A 412 29.26 -7.71 17.34
N GLU A 413 29.59 -6.59 17.99
CA GLU A 413 30.93 -6.05 18.01
C GLU A 413 31.49 -6.07 19.42
N GLU A 414 32.79 -6.29 19.54
CA GLU A 414 33.48 -6.24 20.82
C GLU A 414 34.58 -5.19 20.76
N TYR A 415 34.67 -4.37 21.80
CA TYR A 415 35.74 -3.38 21.90
C TYR A 415 35.89 -2.86 23.33
N LYS A 425 33.08 -1.48 26.83
CA LYS A 425 34.20 -2.40 26.92
C LYS A 425 33.74 -3.83 26.62
N GLU A 426 32.43 -4.04 26.62
CA GLU A 426 31.88 -5.38 26.40
C GLU A 426 31.42 -5.50 24.95
N LYS A 427 30.57 -6.48 24.67
CA LYS A 427 30.05 -6.68 23.31
C LYS A 427 28.69 -6.01 23.15
N ARG A 428 28.53 -5.25 22.07
CA ARG A 428 27.29 -4.56 21.75
C ARG A 428 26.70 -5.11 20.46
N VAL A 429 25.37 -5.18 20.41
CA VAL A 429 24.65 -5.43 19.16
C VAL A 429 24.41 -4.08 18.49
N VAL A 430 24.74 -4.00 17.21
CA VAL A 430 24.52 -2.77 16.45
C VAL A 430 23.97 -3.13 15.07
N LEU A 431 22.91 -2.46 14.66
CA LEU A 431 22.36 -2.63 13.31
C LEU A 431 23.02 -1.63 12.40
N LYS A 432 23.95 -2.10 11.57
CA LYS A 432 24.71 -1.21 10.69
C LYS A 432 24.04 -1.03 9.34
N ILE A 433 22.75 -0.72 9.36
CA ILE A 433 21.98 -0.55 8.12
C ILE A 433 22.44 0.72 7.41
N PRO A 434 22.54 0.73 6.08
CA PRO A 434 22.91 1.96 5.39
C PRO A 434 22.02 3.12 5.83
N LYS A 435 22.66 4.28 6.08
CA LYS A 435 21.97 5.41 6.72
C LYS A 435 20.68 5.75 5.99
N HIS A 436 20.73 5.82 4.66
CA HIS A 436 19.57 6.24 3.90
C HIS A 436 18.40 5.27 4.01
N LEU A 437 18.61 4.06 4.53
CA LEU A 437 17.53 3.09 4.74
C LEU A 437 17.09 2.99 6.19
N ALA A 438 17.88 3.52 7.14
CA ALA A 438 17.59 3.32 8.56
C ALA A 438 16.13 3.68 8.88
N PRO A 439 15.41 2.86 9.64
CA PRO A 439 14.02 3.21 9.95
C PRO A 439 13.89 4.53 10.71
N ILE A 440 14.75 4.75 11.70
CA ILE A 440 14.79 6.02 12.42
C ILE A 440 16.19 6.60 12.28
N LYS A 441 16.27 7.84 11.82
CA LYS A 441 17.54 8.38 11.37
C LYS A 441 18.24 9.28 12.38
N VAL A 442 17.55 9.81 13.39
CA VAL A 442 18.17 10.66 14.40
C VAL A 442 17.50 10.43 15.76
N ALA A 443 18.33 10.45 16.81
CA ALA A 443 17.87 10.44 18.19
C ALA A 443 18.47 11.63 18.93
N VAL A 444 17.65 12.29 19.75
CA VAL A 444 18.05 13.46 20.54
C VAL A 444 18.01 13.10 22.02
N PHE A 445 19.12 13.34 22.72
CA PHE A 445 19.30 12.90 24.11
C PHE A 445 19.75 14.07 25.00
N PRO A 446 19.00 14.43 26.02
CA PRO A 446 19.59 15.26 27.10
C PRO A 446 20.65 14.45 27.84
N LEU A 447 21.82 15.05 28.03
CA LEU A 447 22.91 14.35 28.71
C LEU A 447 22.48 13.81 30.06
N LEU A 448 21.59 14.53 30.75
CA LEU A 448 21.13 14.14 32.07
C LEU A 448 19.68 14.57 32.23
N LYS A 449 18.94 13.82 33.04
CA LYS A 449 17.53 14.10 33.29
C LYS A 449 17.40 15.27 34.27
N LYS A 450 17.92 16.43 33.84
CA LYS A 450 17.81 17.70 34.49
C LYS A 450 17.11 18.68 33.55
N PRO A 451 16.16 19.48 34.06
CA PRO A 451 15.34 20.30 33.15
C PRO A 451 16.13 21.30 32.34
N GLU A 452 17.26 21.79 32.85
CA GLU A 452 18.05 22.76 32.09
C GLU A 452 18.56 22.14 30.79
N LEU A 453 18.79 20.83 30.77
CA LEU A 453 19.14 20.15 29.53
C LEU A 453 17.91 19.69 28.77
N ILE A 454 16.94 19.12 29.49
CA ILE A 454 15.69 18.65 28.88
C ILE A 454 15.04 19.75 28.04
N GLU A 455 15.06 20.99 28.54
CA GLU A 455 14.51 22.11 27.77
C GLU A 455 15.30 22.34 26.49
N LYS A 456 16.62 22.22 26.57
CA LYS A 456 17.46 22.44 25.40
C LYS A 456 17.29 21.34 24.36
N ALA A 457 17.21 20.08 24.82
CA ALA A 457 17.06 18.95 23.90
C ALA A 457 15.72 19.01 23.17
N LYS A 458 14.64 19.33 23.88
CA LYS A 458 13.34 19.43 23.23
C LYS A 458 13.33 20.48 22.14
N GLU A 459 14.06 21.58 22.35
CA GLU A 459 14.20 22.59 21.31
C GLU A 459 14.93 22.02 20.10
N VAL A 460 16.05 21.35 20.36
CA VAL A 460 16.80 20.71 19.29
C VAL A 460 15.92 19.73 18.54
N TYR A 461 15.20 18.89 19.28
CA TYR A 461 14.26 17.94 18.69
C TYR A 461 13.28 18.64 17.77
N ASN A 462 12.72 19.77 18.22
CA ASN A 462 11.66 20.44 17.47
C ASN A 462 12.17 21.10 16.19
N MET A 463 13.44 21.50 16.14
CA MET A 463 13.96 22.04 14.89
C MET A 463 14.30 20.93 13.90
N LEU A 464 14.82 19.80 14.40
CA LEU A 464 15.20 18.69 13.54
C LEU A 464 14.00 17.96 12.93
N LYS A 465 12.81 18.08 13.53
CA LYS A 465 11.62 17.46 12.98
C LYS A 465 11.36 17.93 11.56
N ASN A 466 11.71 19.17 11.25
CA ASN A 466 11.49 19.71 9.91
C ASN A 466 12.49 19.18 8.90
N TYR A 467 13.52 18.45 9.33
CA TYR A 467 14.50 17.86 8.43
C TYR A 467 14.46 16.34 8.40
N PHE A 468 13.88 15.69 9.40
CA PHE A 468 13.85 14.24 9.47
C PHE A 468 12.58 13.79 10.18
N TYR A 469 12.03 12.65 9.75
CA TYR A 469 10.89 11.99 10.40
C TYR A 469 10.94 10.48 10.19
N PRO A 470 10.71 9.67 11.24
CA PRO A 470 10.48 10.04 12.62
C PRO A 470 11.79 10.30 13.37
N ILE A 471 11.73 10.89 14.56
CA ILE A 471 12.89 11.19 15.38
C ILE A 471 12.66 10.63 16.77
N ILE A 472 13.71 10.07 17.37
CA ILE A 472 13.64 9.54 18.72
C ILE A 472 14.05 10.63 19.71
N TYR A 473 13.26 10.79 20.77
CA TYR A 473 13.65 11.56 21.93
C TYR A 473 13.68 10.62 23.13
N ASP A 474 14.73 10.71 23.94
CA ASP A 474 14.83 9.86 25.11
C ASP A 474 15.67 10.57 26.16
N GLU A 475 15.14 10.63 27.38
CA GLU A 475 15.84 11.23 28.51
C GLU A 475 15.98 10.26 29.67
N GLN A 476 15.47 9.04 29.54
CA GLN A 476 15.40 8.10 30.65
C GLN A 476 16.58 7.14 30.60
N GLY A 477 17.20 6.91 31.75
CA GLY A 477 18.33 6.02 31.85
C GLY A 477 19.65 6.72 31.58
N SER A 478 20.72 5.93 31.66
CA SER A 478 22.06 6.42 31.38
C SER A 478 22.19 6.90 29.95
N ILE A 479 23.17 7.77 29.71
CA ILE A 479 23.43 8.23 28.35
C ILE A 479 24.07 7.12 27.53
N GLY A 480 24.90 6.29 28.16
CA GLY A 480 25.45 5.13 27.47
C GLY A 480 24.39 4.08 27.21
N ARG A 481 23.44 3.93 28.13
CA ARG A 481 22.34 3.00 27.93
C ARG A 481 21.43 3.47 26.79
N ARG A 482 21.27 4.79 26.65
CA ARG A 482 20.48 5.33 25.55
C ARG A 482 21.22 5.23 24.22
N TYR A 483 22.54 5.49 24.22
CA TYR A 483 23.35 5.27 23.03
C TYR A 483 23.28 3.82 22.57
N ARG A 484 23.36 2.88 23.51
CA ARG A 484 23.30 1.47 23.15
C ARG A 484 21.94 1.11 22.57
N ARG A 485 20.88 1.71 23.11
CA ARG A 485 19.53 1.39 22.66
C ARG A 485 19.33 1.77 21.20
N VAL A 486 19.81 2.94 20.79
CA VAL A 486 19.58 3.38 19.41
C VAL A 486 20.55 2.70 18.45
N ASP A 487 21.76 2.34 18.89
CA ASP A 487 22.62 1.51 18.06
C ASP A 487 21.98 0.15 17.78
N GLU A 488 21.32 -0.43 18.78
CA GLU A 488 20.66 -1.71 18.61
C GLU A 488 19.64 -1.68 17.46
N ILE A 489 18.95 -0.56 17.26
CA ILE A 489 17.93 -0.46 16.22
C ILE A 489 18.40 0.42 15.07
N GLY A 490 19.71 0.69 14.98
CA GLY A 490 20.29 1.20 13.75
C GLY A 490 20.22 2.69 13.49
N VAL A 491 19.87 3.50 14.49
CA VAL A 491 19.85 4.96 14.30
C VAL A 491 21.25 5.43 13.93
N PRO A 492 21.40 6.21 12.86
CA PRO A 492 22.75 6.61 12.43
C PRO A 492 23.38 7.67 13.31
N TYR A 493 22.60 8.66 13.78
CA TYR A 493 23.14 9.79 14.53
C TYR A 493 22.37 10.02 15.83
N ALA A 494 23.11 10.00 16.94
CA ALA A 494 22.61 10.42 18.25
C ALA A 494 23.17 11.79 18.58
N ILE A 495 22.28 12.71 18.99
CA ILE A 495 22.63 14.08 19.28
C ILE A 495 22.42 14.31 20.78
N THR A 496 23.47 14.81 21.44
CA THR A 496 23.45 14.99 22.90
C THR A 496 23.55 16.47 23.25
N ILE A 497 22.63 16.91 24.09
CA ILE A 497 22.68 18.25 24.68
C ILE A 497 23.46 18.18 25.97
N ASP A 498 24.49 19.01 26.10
CA ASP A 498 25.31 19.05 27.30
C ASP A 498 25.30 20.46 27.89
N TYR A 499 26.10 20.65 28.94
CA TYR A 499 26.16 21.96 29.56
C TYR A 499 26.81 22.97 28.63
N GLN A 500 27.83 22.52 27.88
CA GLN A 500 28.43 23.40 26.88
C GLN A 500 27.41 23.84 25.84
N THR A 501 26.39 23.01 25.58
CA THR A 501 25.32 23.43 24.67
C THR A 501 24.62 24.67 25.20
N LEU A 502 24.44 24.75 26.52
CA LEU A 502 23.80 25.92 27.11
C LEU A 502 24.64 27.17 26.89
N GLU A 503 25.96 27.03 26.89
CA GLU A 503 26.86 28.18 26.75
C GLU A 503 27.02 28.61 25.28
N ASP A 504 27.58 27.73 24.43
CA ASP A 504 27.92 28.11 23.06
C ASP A 504 26.96 27.58 22.00
N ASN A 505 25.90 26.87 22.40
CA ASN A 505 24.86 26.41 21.49
C ASN A 505 25.38 25.35 20.51
N THR A 506 26.25 24.46 21.00
CA THR A 506 26.80 23.38 20.20
C THR A 506 26.47 22.05 20.86
N VAL A 507 26.11 21.06 20.04
CA VAL A 507 25.80 19.71 20.51
C VAL A 507 26.84 18.75 19.95
N THR A 508 26.87 17.55 20.51
CA THR A 508 27.71 16.48 19.99
C THR A 508 26.90 15.52 19.12
N ILE A 509 27.50 15.11 18.00
CA ILE A 509 26.91 14.13 17.09
C ILE A 509 27.73 12.85 17.19
N ARG A 510 27.09 11.77 17.61
CA ARG A 510 27.74 10.48 17.73
C ARG A 510 27.40 9.62 16.51
N ASP A 511 28.44 9.22 15.77
CA ASP A 511 28.27 8.35 14.61
C ASP A 511 28.01 6.93 15.06
N ARG A 512 26.96 6.31 14.52
CA ARG A 512 26.60 4.97 14.97
C ARG A 512 27.74 3.97 14.73
N ASP A 513 28.38 4.02 13.57
CA ASP A 513 29.37 3.01 13.26
C ASP A 513 30.68 3.25 14.02
N THR A 514 31.35 4.37 13.72
CA THR A 514 32.68 4.64 14.31
C THR A 514 32.62 4.90 15.81
N MET A 515 31.47 5.37 16.31
CA MET A 515 31.23 5.77 17.69
C MET A 515 31.97 7.06 18.06
N LYS A 516 32.57 7.73 17.09
CA LYS A 516 33.20 9.02 17.33
C LYS A 516 32.14 10.10 17.49
N GLN A 517 32.47 11.11 18.28
CA GLN A 517 31.57 12.24 18.52
C GLN A 517 32.27 13.53 18.11
N VAL A 518 31.57 14.37 17.38
CA VAL A 518 32.09 15.67 16.96
C VAL A 518 31.08 16.75 17.34
N ARG A 519 31.58 17.84 17.88
CA ARG A 519 30.74 18.95 18.30
C ARG A 519 30.35 19.81 17.10
N VAL A 520 29.10 20.26 17.08
CA VAL A 520 28.54 20.94 15.93
C VAL A 520 27.59 22.02 16.40
N LYS A 521 27.67 23.19 15.76
CA LYS A 521 26.70 24.25 16.02
C LYS A 521 25.30 23.78 15.65
N ILE A 522 24.32 24.09 16.49
CA ILE A 522 22.95 23.65 16.25
C ILE A 522 22.48 24.05 14.87
N GLU A 523 22.88 25.24 14.41
CA GLU A 523 22.44 25.73 13.11
C GLU A 523 23.18 25.06 11.96
N ASP A 524 24.21 24.27 12.25
CA ASP A 524 24.88 23.45 11.25
C ASP A 524 24.48 21.97 11.35
N LEU A 525 23.41 21.66 12.09
CA LEU A 525 22.96 20.28 12.16
C LEU A 525 22.47 19.70 10.83
N PRO A 526 21.86 20.46 9.92
CA PRO A 526 21.50 19.87 8.62
C PRO A 526 22.68 19.27 7.87
N ASN A 527 23.88 19.81 8.02
CA ASN A 527 25.07 19.19 7.45
C ASN A 527 25.74 18.27 8.47
N ASP B 24 -21.69 8.70 -16.37
CA ASP B 24 -20.70 9.56 -17.00
C ASP B 24 -19.39 9.66 -16.19
N PRO B 25 -19.46 9.74 -14.86
CA PRO B 25 -18.22 9.47 -14.08
C PRO B 25 -17.74 8.05 -14.25
N LYS B 26 -18.67 7.11 -14.50
CA LYS B 26 -18.29 5.73 -14.79
C LYS B 26 -17.40 5.62 -16.03
N GLU B 27 -17.57 6.53 -17.00
CA GLU B 27 -16.71 6.52 -18.18
C GLU B 27 -15.47 7.37 -18.01
N TYR B 28 -15.56 8.47 -17.25
CA TYR B 28 -14.41 9.33 -17.05
C TYR B 28 -13.26 8.60 -16.36
N VAL B 29 -13.59 7.76 -15.37
CA VAL B 29 -12.54 7.16 -14.54
C VAL B 29 -11.74 6.13 -15.32
N LEU B 30 -12.24 5.70 -16.48
CA LEU B 30 -11.52 4.79 -17.36
C LEU B 30 -10.41 5.49 -18.12
N LYS B 31 -10.22 6.80 -17.92
CA LYS B 31 -9.11 7.52 -18.52
C LYS B 31 -7.86 7.42 -17.64
N GLY B 32 -7.74 6.37 -16.83
CA GLY B 32 -6.52 6.14 -16.07
C GLY B 32 -6.69 6.08 -14.58
N PHE B 33 -7.89 6.34 -14.04
CA PHE B 33 -8.05 6.35 -12.58
C PHE B 33 -8.31 4.96 -12.02
N PHE B 34 -9.41 4.32 -12.42
CA PHE B 34 -9.63 2.94 -12.03
C PHE B 34 -10.61 2.28 -12.99
N TYR B 35 -10.50 0.97 -13.09
CA TYR B 35 -11.19 0.12 -14.04
C TYR B 35 -11.80 -1.05 -13.27
N PRO B 36 -12.91 -1.61 -13.74
CA PRO B 36 -13.39 -2.88 -13.20
C PRO B 36 -12.26 -3.90 -13.22
N ALA B 37 -12.16 -4.68 -12.13
CA ALA B 37 -10.99 -5.53 -11.91
C ALA B 37 -10.93 -6.66 -12.93
N SER B 38 -9.74 -6.89 -13.48
CA SER B 38 -9.58 -7.91 -14.52
C SER B 38 -10.60 -7.65 -15.62
N GLU B 39 -10.51 -6.46 -16.20
CA GLU B 39 -11.54 -5.93 -17.08
C GLU B 39 -11.75 -6.79 -18.32
N ILE B 40 -10.70 -7.46 -18.80
CA ILE B 40 -10.87 -8.28 -19.99
C ILE B 40 -11.69 -9.53 -19.74
N TYR B 41 -11.89 -9.93 -18.48
CA TYR B 41 -12.73 -11.06 -18.11
C TYR B 41 -14.08 -10.55 -17.60
N ASN B 42 -14.89 -11.44 -17.03
CA ASN B 42 -16.19 -11.05 -16.49
C ASN B 42 -15.97 -10.51 -15.08
N SER B 43 -15.75 -9.20 -15.02
CA SER B 43 -15.38 -8.56 -13.77
C SER B 43 -16.39 -8.85 -12.67
N ILE B 44 -15.88 -9.08 -11.48
CA ILE B 44 -16.71 -9.26 -10.30
C ILE B 44 -17.05 -7.89 -9.72
N ALA B 45 -18.32 -7.68 -9.39
CA ALA B 45 -18.73 -6.41 -8.81
C ALA B 45 -18.04 -6.16 -7.46
N GLY B 46 -17.74 -4.90 -7.19
CA GLY B 46 -17.09 -4.50 -5.96
C GLY B 46 -15.58 -4.61 -5.94
N PHE B 47 -14.94 -4.85 -7.08
CA PHE B 47 -13.48 -4.90 -7.16
C PHE B 47 -13.01 -4.00 -8.30
N TYR B 48 -11.97 -3.21 -8.05
CA TYR B 48 -11.43 -2.32 -9.07
C TYR B 48 -9.90 -2.39 -9.08
N ASP B 49 -9.32 -2.26 -10.28
CA ASP B 49 -7.90 -2.04 -10.48
C ASP B 49 -7.64 -0.53 -10.62
N TYR B 50 -6.69 -0.01 -9.87
CA TYR B 50 -6.30 1.39 -10.03
C TYR B 50 -5.31 1.52 -11.17
N GLY B 51 -5.65 2.35 -12.14
CA GLY B 51 -4.80 2.71 -13.25
C GLY B 51 -3.69 3.67 -12.83
N TYR B 52 -2.94 4.11 -13.84
CA TYR B 52 -1.74 4.87 -13.54
C TYR B 52 -2.04 6.16 -12.77
N LEU B 53 -3.13 6.87 -13.12
CA LEU B 53 -3.47 8.10 -12.41
C LEU B 53 -4.10 7.83 -11.05
N GLY B 54 -5.01 6.84 -11.00
CA GLY B 54 -5.63 6.48 -9.73
C GLY B 54 -4.60 6.07 -8.68
N THR B 55 -3.55 5.34 -9.10
CA THR B 55 -2.52 4.90 -8.17
C THR B 55 -1.76 6.11 -7.60
N LEU B 56 -1.32 7.02 -8.46
CA LEU B 56 -0.64 8.23 -8.01
C LEU B 56 -1.54 9.07 -7.11
N LEU B 57 -2.79 9.24 -7.50
CA LEU B 57 -3.72 10.04 -6.69
C LEU B 57 -3.93 9.38 -5.33
N LYS B 58 -4.15 8.07 -5.32
CA LYS B 58 -4.35 7.41 -4.02
C LYS B 58 -3.09 7.49 -3.17
N ASN B 59 -1.91 7.35 -3.78
CA ASN B 59 -0.69 7.49 -2.99
C ASN B 59 -0.49 8.92 -2.50
N ASN B 60 -0.96 9.91 -3.26
CA ASN B 60 -0.85 11.29 -2.79
C ASN B 60 -1.73 11.51 -1.57
N PHE B 61 -2.95 10.98 -1.59
CA PHE B 61 -3.80 11.08 -0.42
C PHE B 61 -3.17 10.35 0.76
N ILE B 62 -2.70 9.11 0.54
CA ILE B 62 -2.13 8.34 1.65
C ILE B 62 -0.94 9.06 2.26
N ASN B 63 -0.08 9.64 1.42
CA ASN B 63 1.10 10.31 1.93
C ASN B 63 0.75 11.59 2.68
N GLU B 64 -0.21 12.37 2.16
CA GLU B 64 -0.76 13.50 2.91
C GLU B 64 -1.31 13.04 4.25
N TRP B 65 -2.13 12.00 4.23
CA TRP B 65 -2.75 11.49 5.44
C TRP B 65 -1.71 11.11 6.48
N LYS B 66 -0.69 10.35 6.06
CA LYS B 66 0.33 9.88 6.98
C LYS B 66 1.09 11.05 7.57
N ASN B 67 1.50 11.99 6.73
CA ASN B 67 2.32 13.08 7.23
C ASN B 67 1.53 13.96 8.19
N TYR B 68 0.23 14.04 8.00
CA TYR B 68 -0.58 14.86 8.87
C TYR B 68 -0.86 14.13 10.18
N PHE B 69 -1.47 12.95 10.12
CA PHE B 69 -1.95 12.29 11.34
C PHE B 69 -0.84 11.65 12.15
N LEU B 70 0.22 11.16 11.52
CA LEU B 70 1.31 10.58 12.30
C LEU B 70 2.02 11.66 13.11
N ARG B 71 2.06 12.90 12.61
CA ARG B 71 2.79 13.96 13.28
C ARG B 71 1.96 14.74 14.30
N LEU B 72 0.73 14.31 14.57
CA LEU B 72 -0.10 14.98 15.57
C LEU B 72 0.49 14.85 16.97
N HIS B 73 1.27 13.82 17.25
CA HIS B 73 1.76 13.55 18.59
C HIS B 73 3.00 12.68 18.47
N PRO B 74 3.96 12.80 19.39
CA PRO B 74 5.26 12.15 19.20
C PRO B 74 5.26 10.62 19.30
N ASN B 75 4.30 10.01 19.96
CA ASN B 75 4.30 8.55 20.10
C ASN B 75 3.30 7.89 19.14
N PHE B 76 3.13 8.43 17.93
CA PHE B 76 2.21 7.92 16.93
C PHE B 76 3.01 7.22 15.83
N TRP B 77 2.72 5.95 15.58
CA TRP B 77 3.53 5.16 14.67
C TRP B 77 2.65 4.38 13.69
N GLU B 78 3.10 4.28 12.44
CA GLU B 78 2.49 3.36 11.49
C GLU B 78 3.00 1.94 11.72
N VAL B 79 2.07 0.98 11.68
CA VAL B 79 2.35 -0.46 11.68
C VAL B 79 1.64 -1.09 10.47
N ASP B 80 2.07 -2.32 10.13
CA ASP B 80 1.52 -3.04 8.96
C ASP B 80 1.19 -4.48 9.34
N PRO B 81 0.06 -4.70 9.99
CA PRO B 81 -0.31 -6.06 10.38
C PRO B 81 -0.79 -6.87 9.19
N ALA B 82 -0.73 -8.19 9.36
CA ALA B 82 -1.21 -9.09 8.33
C ALA B 82 -2.73 -8.93 8.14
N ILE B 83 -3.16 -9.17 6.91
CA ILE B 83 -4.58 -9.13 6.56
C ILE B 83 -5.33 -10.31 7.18
N VAL B 84 -4.71 -11.49 7.19
CA VAL B 84 -5.36 -12.68 7.71
C VAL B 84 -5.18 -12.71 9.22
N MET B 85 -6.28 -12.97 9.94
CA MET B 85 -6.25 -13.04 11.39
C MET B 85 -6.99 -14.28 11.88
N PRO B 86 -6.53 -14.90 12.97
CA PRO B 86 -7.20 -16.10 13.50
C PRO B 86 -8.62 -15.78 13.94
N LYS B 87 -9.47 -16.81 13.90
CA LYS B 87 -10.89 -16.56 14.18
C LYS B 87 -11.11 -15.99 15.57
N GLU B 88 -10.23 -16.28 16.53
CA GLU B 88 -10.49 -15.80 17.89
C GLU B 88 -10.40 -14.28 17.98
N VAL B 89 -9.73 -13.63 17.04
CA VAL B 89 -9.72 -12.16 17.02
C VAL B 89 -11.14 -11.63 16.87
N PHE B 90 -11.93 -12.28 16.04
CA PHE B 90 -13.27 -11.82 15.74
C PHE B 90 -14.33 -12.46 16.63
N ILE B 91 -13.92 -13.35 17.53
CA ILE B 91 -14.74 -13.67 18.70
C ILE B 91 -14.68 -12.51 19.70
N ALA B 92 -13.47 -12.04 20.02
CA ALA B 92 -13.33 -10.91 20.92
C ALA B 92 -14.01 -9.66 20.36
N SER B 93 -13.77 -9.35 19.08
CA SER B 93 -14.24 -8.10 18.50
C SER B 93 -15.75 -8.08 18.25
N GLY B 94 -16.40 -9.24 18.23
CA GLY B 94 -17.82 -9.32 17.93
C GLY B 94 -18.19 -9.40 16.45
N HIS B 95 -17.20 -9.45 15.53
CA HIS B 95 -17.54 -9.43 14.11
C HIS B 95 -18.27 -10.70 13.69
N LEU B 96 -17.81 -11.87 14.17
CA LEU B 96 -18.44 -13.12 13.80
C LEU B 96 -19.92 -13.15 14.17
N GLU B 97 -20.31 -12.46 15.23
CA GLU B 97 -21.69 -12.49 15.71
C GLU B 97 -22.55 -11.35 15.16
N ASN B 98 -21.96 -10.17 14.92
CA ASN B 98 -22.71 -8.95 14.71
C ASN B 98 -22.52 -8.28 13.36
N PHE B 99 -21.50 -8.65 12.59
CA PHE B 99 -21.12 -7.92 11.37
C PHE B 99 -21.96 -8.41 10.17
N ASN B 100 -23.24 -8.04 10.19
CA ASN B 100 -24.24 -8.61 9.29
C ASN B 100 -24.93 -7.56 8.44
N ASP B 101 -25.33 -7.95 7.22
CA ASP B 101 -26.24 -7.37 6.23
C ASP B 101 -27.59 -8.08 6.27
N PRO B 102 -28.71 -7.37 6.19
CA PRO B 102 -30.01 -8.05 6.14
C PRO B 102 -30.35 -8.45 4.72
N ILE B 103 -30.61 -9.73 4.50
CA ILE B 103 -30.87 -10.25 3.15
C ILE B 103 -32.26 -10.84 3.10
N VAL B 104 -32.93 -10.63 1.97
CA VAL B 104 -34.27 -11.15 1.74
C VAL B 104 -34.29 -11.78 0.36
N GLU B 105 -35.12 -12.82 0.21
CA GLU B 105 -35.16 -13.60 -1.02
C GLU B 105 -36.57 -13.73 -1.61
N CYS B 146 -39.86 -12.48 -10.94
CA CYS B 146 -40.16 -11.34 -10.09
C CYS B 146 -41.64 -11.31 -9.69
N ASN B 147 -41.96 -10.44 -8.73
CA ASN B 147 -43.29 -10.24 -8.17
C ASN B 147 -43.77 -11.43 -7.33
N ALA B 148 -42.88 -12.40 -7.04
CA ALA B 148 -43.18 -13.46 -6.08
C ALA B 148 -43.06 -12.91 -4.66
N PRO B 149 -43.77 -13.50 -3.69
CA PRO B 149 -43.66 -13.02 -2.32
C PRO B 149 -42.23 -13.08 -1.82
N LEU B 150 -41.96 -12.29 -0.79
CA LEU B 150 -40.64 -12.21 -0.18
C LEU B 150 -40.58 -13.06 1.08
N GLY B 151 -39.46 -13.75 1.26
CA GLY B 151 -39.24 -14.55 2.45
C GLY B 151 -38.97 -13.66 3.66
N LYS B 152 -38.51 -14.29 4.72
CA LYS B 152 -38.15 -13.57 5.93
C LYS B 152 -36.79 -12.89 5.77
N VAL B 153 -36.65 -11.70 6.37
CA VAL B 153 -35.38 -10.98 6.35
C VAL B 153 -34.41 -11.64 7.29
N LYS B 154 -33.20 -11.96 6.79
CA LYS B 154 -32.18 -12.66 7.56
C LYS B 154 -30.90 -11.85 7.59
N TRP B 155 -30.09 -12.13 8.60
CA TRP B 155 -28.77 -11.53 8.72
C TRP B 155 -27.76 -12.39 7.96
N PHE B 156 -26.86 -11.73 7.24
CA PHE B 156 -25.77 -12.43 6.55
C PHE B 156 -24.46 -11.77 6.96
N ASN B 157 -23.53 -12.58 7.48
CA ASN B 157 -22.28 -12.04 7.96
C ASN B 157 -21.32 -11.77 6.80
N LEU B 158 -20.66 -10.60 6.85
CA LEU B 158 -19.88 -10.10 5.74
C LEU B 158 -18.43 -10.57 5.73
N MET B 159 -17.96 -11.28 6.76
CA MET B 159 -16.56 -11.69 6.81
C MET B 159 -16.26 -12.84 5.86
N PHE B 160 -15.14 -12.73 5.16
CA PHE B 160 -14.65 -13.78 4.27
C PHE B 160 -13.77 -14.75 5.07
N PRO B 161 -14.15 -16.02 5.21
CA PRO B 161 -13.18 -17.01 5.71
C PRO B 161 -12.07 -17.27 4.70
N ILE B 162 -10.92 -17.69 5.22
CA ILE B 162 -9.82 -18.20 4.41
C ILE B 162 -9.37 -19.53 5.03
N TYR B 163 -9.38 -20.60 4.24
CA TYR B 163 -9.17 -21.95 4.77
C TYR B 163 -7.69 -22.31 4.66
N ILE B 164 -6.98 -22.20 5.79
CA ILE B 164 -5.56 -22.51 5.85
C ILE B 164 -5.36 -24.02 5.77
N GLY B 165 -4.36 -24.45 5.01
CA GLY B 165 -3.99 -25.84 4.98
C GLY B 165 -4.70 -26.61 3.90
N PRO B 166 -4.27 -27.85 3.65
CA PRO B 166 -4.91 -28.68 2.61
C PRO B 166 -6.27 -29.25 3.00
N ASP B 167 -6.76 -29.05 4.23
CA ASP B 167 -8.06 -29.62 4.60
C ASP B 167 -9.17 -29.06 3.74
N SER B 168 -8.99 -27.83 3.25
CA SER B 168 -9.97 -27.19 2.38
C SER B 168 -10.21 -27.99 1.11
N GLN B 169 -9.14 -28.28 0.36
CA GLN B 169 -9.30 -28.89 -0.96
C GLN B 169 -9.88 -30.28 -0.86
N GLU B 170 -9.45 -31.06 0.13
CA GLU B 170 -10.05 -32.38 0.37
C GLU B 170 -11.54 -32.24 0.63
N ALA B 171 -11.92 -31.44 1.61
CA ALA B 171 -13.33 -31.28 1.96
C ALA B 171 -14.14 -30.75 0.77
N LEU B 172 -13.62 -29.73 0.09
CA LEU B 172 -14.37 -29.11 -1.01
C LEU B 172 -14.49 -30.02 -2.21
N ASN B 173 -13.52 -30.93 -2.41
CA ASN B 173 -13.65 -31.89 -3.51
C ASN B 173 -14.84 -32.81 -3.28
N LEU B 174 -15.13 -33.15 -2.02
CA LEU B 174 -16.35 -33.91 -1.72
C LEU B 174 -17.59 -33.05 -1.93
N LEU B 175 -17.52 -31.77 -1.54
CA LEU B 175 -18.63 -30.86 -1.77
C LEU B 175 -18.89 -30.68 -3.27
N LYS B 176 -17.85 -30.34 -4.03
CA LYS B 176 -18.00 -30.07 -5.45
C LYS B 176 -18.46 -31.32 -6.22
N ASN B 177 -18.17 -32.51 -5.68
CA ASN B 177 -18.57 -33.77 -6.31
C ASN B 177 -19.66 -34.49 -5.53
N LEU B 178 -20.45 -33.76 -4.73
CA LEU B 178 -21.54 -34.38 -3.99
C LEU B 178 -22.75 -34.54 -4.91
N LYS B 179 -23.30 -35.75 -4.92
CA LYS B 179 -24.42 -36.10 -5.79
C LYS B 179 -25.50 -36.77 -4.95
N GLU B 180 -26.68 -36.91 -5.57
CA GLU B 180 -27.80 -37.59 -4.91
C GLU B 180 -27.64 -39.10 -4.87
N ASN B 181 -26.66 -39.65 -5.59
CA ASN B 181 -26.44 -41.08 -5.64
C ASN B 181 -25.25 -41.54 -4.81
N VAL B 182 -24.65 -40.65 -4.01
CA VAL B 182 -23.43 -41.01 -3.27
C VAL B 182 -23.75 -42.04 -2.19
N SER B 183 -22.70 -42.72 -1.73
CA SER B 183 -22.81 -43.78 -0.73
C SER B 183 -22.91 -43.18 0.68
N GLU B 184 -23.27 -44.05 1.63
CA GLU B 184 -23.37 -43.63 3.04
C GLU B 184 -22.00 -43.35 3.64
N GLN B 185 -20.97 -44.05 3.18
CA GLN B 185 -19.61 -43.75 3.63
C GLN B 185 -19.12 -42.41 3.09
N TYR B 186 -19.56 -42.05 1.88
CA TYR B 186 -19.27 -40.73 1.32
C TYR B 186 -19.78 -39.62 2.22
N ILE B 187 -20.90 -39.84 2.90
CA ILE B 187 -21.51 -38.83 3.75
C ILE B 187 -20.74 -38.72 5.08
N LYS B 188 -20.27 -39.85 5.62
CA LYS B 188 -19.52 -39.79 6.87
C LYS B 188 -18.21 -39.04 6.69
N ASP B 189 -17.63 -39.08 5.49
CA ASP B 189 -16.36 -38.41 5.24
C ASP B 189 -16.52 -36.93 4.92
N ILE B 190 -17.64 -36.53 4.28
CA ILE B 190 -17.84 -35.13 3.95
C ILE B 190 -18.17 -34.33 5.21
N ILE B 191 -18.95 -34.89 6.13
CA ILE B 191 -19.11 -34.28 7.44
C ILE B 191 -17.76 -34.22 8.14
N GLU B 192 -16.94 -35.26 7.94
CA GLU B 192 -15.68 -35.35 8.68
C GLU B 192 -14.67 -34.33 8.18
N ARG B 193 -14.46 -34.25 6.85
CA ARG B 193 -13.47 -33.32 6.33
C ARG B 193 -13.92 -31.88 6.49
N VAL B 194 -15.23 -31.61 6.41
CA VAL B 194 -15.74 -30.27 6.61
C VAL B 194 -15.43 -29.77 8.02
N LYS B 195 -15.44 -30.66 9.00
CA LYS B 195 -15.16 -30.25 10.37
C LYS B 195 -13.71 -29.81 10.52
N LYS B 196 -12.77 -30.60 9.99
CA LYS B 196 -11.36 -30.26 10.07
C LYS B 196 -11.07 -28.95 9.32
N MET B 197 -11.73 -28.73 8.18
CA MET B 197 -11.58 -27.47 7.47
C MET B 197 -11.94 -26.29 8.36
N VAL B 198 -13.12 -26.34 8.98
CA VAL B 198 -13.58 -25.23 9.82
C VAL B 198 -12.64 -25.02 11.01
N GLU B 199 -11.97 -26.07 11.47
CA GLU B 199 -11.07 -25.89 12.60
C GLU B 199 -9.87 -25.04 12.24
N ASN B 200 -9.39 -25.14 11.00
CA ASN B 200 -8.21 -24.40 10.57
C ASN B 200 -8.57 -23.18 9.72
N GLU B 201 -9.76 -22.62 9.91
CA GLU B 201 -10.19 -21.48 9.13
C GLU B 201 -9.80 -20.20 9.85
N ALA B 202 -9.31 -19.25 9.07
CA ALA B 202 -8.97 -17.92 9.54
C ALA B 202 -9.89 -16.95 8.78
N TYR B 203 -9.69 -15.65 8.93
CA TYR B 203 -10.53 -14.70 8.20
C TYR B 203 -9.68 -13.59 7.59
N LEU B 204 -10.11 -13.13 6.42
CA LEU B 204 -9.63 -11.85 5.91
C LEU B 204 -10.25 -10.76 6.78
N ARG B 205 -9.42 -9.90 7.33
CA ARG B 205 -9.93 -8.89 8.25
C ARG B 205 -10.92 -7.98 7.52
N PRO B 206 -12.03 -7.60 8.17
CA PRO B 206 -12.97 -6.66 7.56
C PRO B 206 -12.69 -5.22 7.90
N GLU B 207 -11.71 -4.98 8.76
CA GLU B 207 -11.24 -3.64 9.10
C GLU B 207 -9.81 -3.77 9.58
N THR B 208 -9.08 -2.67 9.53
CA THR B 208 -7.69 -2.69 9.96
C THR B 208 -7.53 -2.55 11.47
N ALA B 209 -8.57 -2.03 12.15
CA ALA B 209 -8.50 -1.70 13.57
C ALA B 209 -8.01 -2.84 14.45
N GLN B 210 -8.41 -4.08 14.16
CA GLN B 210 -8.02 -5.22 15.01
C GLN B 210 -6.51 -5.42 15.04
N GLY B 211 -5.80 -5.00 13.99
CA GLY B 211 -4.35 -5.08 13.95
C GLY B 211 -3.69 -4.36 15.10
N PRO B 212 -3.88 -3.05 15.21
CA PRO B 212 -3.34 -2.35 16.40
C PRO B 212 -3.79 -2.95 17.72
N TYR B 213 -5.04 -3.44 17.84
CA TYR B 213 -5.49 -3.96 19.13
C TYR B 213 -4.69 -5.20 19.55
N VAL B 214 -4.44 -6.12 18.61
CA VAL B 214 -3.67 -7.30 18.99
C VAL B 214 -2.18 -7.02 19.05
N MET B 215 -1.71 -5.93 18.43
CA MET B 215 -0.31 -5.53 18.53
C MET B 215 -0.01 -4.62 19.72
N PHE B 216 -1.03 -4.13 20.42
CA PHE B 216 -0.81 -3.11 21.45
C PHE B 216 0.17 -3.57 22.52
N LYS B 217 -0.06 -4.76 23.08
CA LYS B 217 0.76 -5.30 24.16
C LYS B 217 2.25 -5.15 23.89
N ARG B 218 2.73 -5.67 22.76
CA ARG B 218 4.15 -5.57 22.47
C ARG B 218 4.58 -4.14 22.16
N GLU B 219 3.83 -3.45 21.30
CA GLU B 219 4.27 -2.11 20.94
C GLU B 219 4.24 -1.17 22.14
N PHE B 220 3.24 -1.32 23.02
CA PHE B 220 3.21 -0.49 24.22
C PHE B 220 4.52 -0.58 24.99
N ILE B 221 5.01 -1.82 25.22
CA ILE B 221 6.27 -2.02 25.92
C ILE B 221 7.42 -1.37 25.16
N LEU B 222 7.45 -1.55 23.83
CA LEU B 222 8.58 -1.11 23.03
C LEU B 222 8.73 0.40 23.02
N HIS B 223 7.64 1.13 23.21
CA HIS B 223 7.71 2.58 23.26
C HIS B 223 7.74 3.10 24.70
N ARG B 224 8.29 2.29 25.61
CA ARG B 224 8.60 2.68 27.00
C ARG B 224 7.35 2.94 27.83
N GLN B 225 6.26 2.25 27.51
CA GLN B 225 5.02 2.27 28.29
C GLN B 225 4.42 3.67 28.43
N LYS B 226 4.52 4.48 27.37
CA LYS B 226 3.95 5.83 27.38
C LYS B 226 2.54 5.84 26.82
N LEU B 227 1.62 6.51 27.52
CA LEU B 227 0.37 6.90 26.91
C LEU B 227 0.32 8.42 26.77
N PRO B 228 -0.25 8.94 25.68
CA PRO B 228 -0.91 8.20 24.60
C PRO B 228 0.04 7.46 23.66
N LEU B 229 -0.48 6.39 23.07
CA LEU B 229 0.19 5.64 22.02
C LEU B 229 -0.73 5.58 20.81
N GLY B 230 -0.20 5.97 19.66
CA GLY B 230 -0.97 5.93 18.44
C GLY B 230 -0.42 4.89 17.49
N LEU B 231 -1.25 3.95 17.06
CA LEU B 231 -0.86 2.98 16.04
C LEU B 231 -1.78 3.20 14.84
N ALA B 232 -1.19 3.45 13.68
CA ALA B 232 -1.92 3.72 12.45
C ALA B 232 -1.64 2.62 11.44
N VAL B 233 -2.69 2.22 10.70
CA VAL B 233 -2.59 1.25 9.63
C VAL B 233 -3.16 1.88 8.37
N VAL B 234 -2.49 1.67 7.24
CA VAL B 234 -3.06 1.98 5.93
C VAL B 234 -3.01 0.68 5.13
N GLY B 235 -4.12 -0.06 5.10
CA GLY B 235 -4.05 -1.32 4.37
C GLY B 235 -5.41 -1.82 3.94
N LYS B 236 -5.39 -3.03 3.38
CA LYS B 236 -6.56 -3.63 2.75
C LYS B 236 -7.48 -4.26 3.77
N ALA B 237 -8.78 -4.22 3.47
CA ALA B 237 -9.78 -4.91 4.24
C ALA B 237 -10.80 -5.48 3.25
N PHE B 238 -11.54 -6.49 3.68
CA PHE B 238 -12.42 -7.23 2.77
C PHE B 238 -13.80 -7.39 3.39
N ARG B 239 -14.83 -7.28 2.55
CA ARG B 239 -16.20 -7.51 3.00
C ARG B 239 -17.02 -8.17 1.91
N ASN B 240 -17.72 -9.25 2.28
CA ASN B 240 -18.54 -10.00 1.34
C ASN B 240 -19.89 -9.28 1.10
N GLU B 241 -19.79 -8.04 0.63
CA GLU B 241 -20.98 -7.21 0.46
C GLU B 241 -21.90 -7.81 -0.61
N ILE B 242 -23.19 -7.78 -0.32
CA ILE B 242 -24.18 -8.41 -1.19
C ILE B 242 -24.28 -7.70 -2.53
N SER B 243 -24.47 -6.38 -2.50
CA SER B 243 -24.76 -5.61 -3.70
C SER B 243 -23.81 -4.43 -3.77
N PRO B 244 -22.57 -4.65 -4.22
CA PRO B 244 -21.64 -3.53 -4.38
C PRO B 244 -22.21 -2.55 -5.39
N ARG B 245 -22.00 -1.26 -5.14
CA ARG B 245 -22.60 -0.23 -5.97
C ARG B 245 -21.76 1.02 -5.91
N GLN B 246 -22.02 1.93 -6.86
CA GLN B 246 -21.48 3.29 -6.84
C GLN B 246 -19.95 3.32 -6.76
N LEU B 247 -19.32 2.61 -7.71
CA LEU B 247 -17.89 2.70 -7.94
C LEU B 247 -17.15 2.41 -6.64
N LEU B 248 -16.29 3.31 -6.17
CA LEU B 248 -15.45 3.07 -5.00
C LEU B 248 -16.21 3.15 -3.68
N LEU B 249 -17.52 3.47 -3.68
CA LEU B 249 -18.23 3.68 -2.41
C LEU B 249 -18.58 2.37 -1.70
N ARG B 250 -19.07 1.37 -2.41
CA ARG B 250 -19.45 0.09 -1.81
C ARG B 250 -18.64 -1.03 -2.44
N LEU B 251 -17.55 -1.40 -1.77
CA LEU B 251 -16.53 -2.30 -2.31
C LEU B 251 -16.45 -3.58 -1.49
N ARG B 252 -16.02 -4.66 -2.14
CA ARG B 252 -15.67 -5.88 -1.42
C ARG B 252 -14.20 -5.92 -1.01
N GLU B 253 -13.34 -5.20 -1.73
CA GLU B 253 -11.92 -5.10 -1.40
C GLU B 253 -11.58 -3.61 -1.43
N PHE B 254 -11.04 -3.08 -0.34
CA PHE B 254 -10.84 -1.65 -0.20
C PHE B 254 -9.70 -1.37 0.76
N THR B 255 -9.20 -0.14 0.72
CA THR B 255 -8.16 0.31 1.63
C THR B 255 -8.72 1.26 2.69
N GLN B 256 -8.35 1.03 3.95
CA GLN B 256 -8.63 1.98 5.02
C GLN B 256 -7.34 2.58 5.54
N ALA B 257 -7.45 3.82 6.02
CA ALA B 257 -6.41 4.46 6.81
C ALA B 257 -7.03 4.75 8.18
N GLU B 258 -6.52 4.10 9.22
CA GLU B 258 -7.11 4.22 10.56
C GLU B 258 -6.02 4.43 11.60
N LEU B 259 -6.19 5.46 12.42
CA LEU B 259 -5.29 5.74 13.53
C LEU B 259 -5.99 5.35 14.85
N GLN B 260 -5.40 4.41 15.59
CA GLN B 260 -5.92 4.03 16.90
C GLN B 260 -5.12 4.76 17.97
N ILE B 261 -5.80 5.56 18.79
CA ILE B 261 -5.14 6.31 19.85
C ILE B 261 -5.47 5.65 21.19
N PHE B 262 -4.47 5.02 21.80
CA PHE B 262 -4.61 4.45 23.14
C PHE B 262 -4.22 5.51 24.14
N PHE B 263 -5.08 5.77 25.13
CA PHE B 263 -4.85 6.94 25.98
C PHE B 263 -5.55 6.79 27.32
N ASP B 264 -5.10 7.62 28.26
CA ASP B 264 -5.74 7.76 29.58
C ASP B 264 -6.70 8.94 29.54
N PRO B 265 -8.00 8.71 29.63
CA PRO B 265 -8.93 9.85 29.56
C PRO B 265 -8.85 10.77 30.78
N GLU B 266 -8.45 10.25 31.95
CA GLU B 266 -8.21 11.11 33.10
C GLU B 266 -7.12 12.12 32.81
N ASP B 267 -6.08 11.70 32.08
CA ASP B 267 -5.06 12.61 31.64
C ASP B 267 -5.60 13.52 30.52
N ASN B 268 -4.92 14.65 30.32
CA ASN B 268 -5.35 15.66 29.33
C ASN B 268 -4.14 16.06 28.48
N GLU B 269 -3.78 15.23 27.51
CA GLU B 269 -2.57 15.45 26.73
C GLU B 269 -2.79 16.18 25.42
N PHE B 270 -4.02 16.64 25.15
CA PHE B 270 -4.33 17.32 23.90
C PHE B 270 -4.92 18.70 24.22
N ASP B 271 -4.19 19.74 23.84
CA ASP B 271 -4.53 21.12 24.19
C ASP B 271 -5.62 21.64 23.25
N ILE B 272 -6.83 21.84 23.79
CA ILE B 272 -7.96 22.31 23.00
C ILE B 272 -7.73 23.70 22.40
N ASN B 273 -6.80 24.49 22.95
CA ASN B 273 -6.55 25.81 22.38
C ASN B 273 -5.94 25.74 20.98
N GLU B 274 -5.43 24.57 20.56
CA GLU B 274 -4.88 24.46 19.22
C GLU B 274 -5.96 24.60 18.15
N VAL B 275 -7.19 24.18 18.46
CA VAL B 275 -8.25 24.06 17.46
C VAL B 275 -9.56 24.67 17.93
N LYS B 276 -9.53 25.42 19.03
CA LYS B 276 -10.78 25.81 19.70
C LYS B 276 -11.69 26.62 18.79
N ASP B 277 -11.12 27.47 17.93
CA ASP B 277 -11.92 28.32 17.05
C ASP B 277 -12.09 27.77 15.64
N VAL B 278 -11.62 26.56 15.36
CA VAL B 278 -11.82 25.96 14.04
C VAL B 278 -13.32 25.81 13.79
N GLU B 279 -13.77 26.21 12.61
CA GLU B 279 -15.20 26.15 12.27
C GLU B 279 -15.51 24.91 11.46
N LEU B 280 -16.66 24.30 11.74
CA LEU B 280 -17.07 23.12 11.00
C LEU B 280 -18.59 23.08 10.84
N ASN B 281 -19.04 22.38 9.80
CA ASN B 281 -20.46 22.10 9.64
C ASN B 281 -20.80 20.85 10.44
N PHE B 282 -21.72 20.98 11.40
CA PHE B 282 -22.09 19.90 12.31
C PHE B 282 -23.58 19.60 12.20
N LEU B 283 -23.89 18.32 12.02
CA LEU B 283 -25.25 17.82 11.97
C LEU B 283 -25.47 16.89 13.16
N ASP B 284 -26.22 17.34 14.16
CA ASP B 284 -26.32 16.51 15.36
C ASP B 284 -27.33 15.40 15.15
N LYS B 285 -27.42 14.51 16.14
CA LYS B 285 -28.32 13.36 16.05
C LYS B 285 -29.77 13.76 16.07
N GLU B 286 -30.09 14.96 16.59
CA GLU B 286 -31.44 15.49 16.49
C GLU B 286 -31.77 16.01 15.10
N GLY B 287 -30.75 16.35 14.30
CA GLY B 287 -30.98 16.87 12.97
C GLY B 287 -30.72 18.35 12.81
N ASN B 288 -30.28 19.03 13.86
CA ASN B 288 -29.90 20.44 13.75
C ASN B 288 -28.61 20.55 12.96
N TYR B 289 -28.67 21.16 11.77
CA TYR B 289 -27.50 21.45 10.98
C TYR B 289 -27.02 22.85 11.30
N LYS B 290 -25.80 22.97 11.82
CA LYS B 290 -25.32 24.27 12.21
C LYS B 290 -23.82 24.34 11.99
N ARG B 291 -23.34 25.55 11.78
CA ARG B 291 -21.92 25.82 11.62
C ARG B 291 -21.38 26.38 12.93
N ILE B 292 -20.45 25.65 13.54
CA ILE B 292 -20.04 25.91 14.92
C ILE B 292 -18.53 25.81 15.04
N LYS B 293 -18.01 26.43 16.10
CA LYS B 293 -16.62 26.28 16.46
C LYS B 293 -16.42 24.98 17.22
N VAL B 294 -15.17 24.51 17.22
CA VAL B 294 -14.84 23.25 17.85
C VAL B 294 -15.21 23.28 19.33
N LYS B 295 -14.96 24.41 19.99
CA LYS B 295 -15.27 24.53 21.42
C LYS B 295 -16.76 24.40 21.70
N ASP B 296 -17.61 24.73 20.74
CA ASP B 296 -19.06 24.58 20.93
C ASP B 296 -19.54 23.14 20.78
N LEU B 297 -18.65 22.19 20.52
CA LEU B 297 -19.08 20.83 20.22
C LEU B 297 -19.59 20.12 21.48
N PRO B 298 -20.64 19.30 21.36
CA PRO B 298 -21.22 18.58 22.50
C PRO B 298 -20.46 17.32 22.90
N PHE B 299 -19.16 17.48 23.12
CA PHE B 299 -18.28 16.37 23.45
C PHE B 299 -17.18 16.91 24.36
N PRO B 300 -16.55 16.06 25.17
CA PRO B 300 -15.42 16.50 25.99
C PRO B 300 -14.23 16.90 25.13
N GLU B 301 -13.31 17.65 25.75
CA GLU B 301 -12.22 18.28 25.02
C GLU B 301 -11.45 17.28 24.17
N PHE B 302 -11.09 16.13 24.75
CA PHE B 302 -10.22 15.20 24.04
C PHE B 302 -10.86 14.76 22.73
N TYR B 303 -12.18 14.57 22.72
CA TYR B 303 -12.88 14.20 21.49
C TYR B 303 -12.96 15.37 20.52
N ALA B 304 -13.33 16.55 21.03
CA ALA B 304 -13.47 17.73 20.19
C ALA B 304 -12.14 18.15 19.56
N TYR B 305 -11.05 17.90 20.27
CA TYR B 305 -9.71 18.19 19.76
C TYR B 305 -9.48 17.52 18.42
N PHE B 306 -9.89 16.25 18.29
CA PHE B 306 -9.58 15.50 17.08
C PHE B 306 -10.60 15.75 15.99
N VAL B 307 -11.87 15.98 16.35
CA VAL B 307 -12.79 16.55 15.36
C VAL B 307 -12.13 17.77 14.72
N GLY B 308 -11.54 18.63 15.55
CA GLY B 308 -10.89 19.84 15.05
C GLY B 308 -9.69 19.55 14.17
N LYS B 309 -8.84 18.58 14.58
CA LYS B 309 -7.69 18.20 13.77
C LYS B 309 -8.13 17.56 12.45
N VAL B 310 -9.20 16.77 12.48
CA VAL B 310 -9.66 16.15 11.24
C VAL B 310 -10.19 17.21 10.27
N LYS B 311 -10.97 18.18 10.78
CA LYS B 311 -11.45 19.27 9.94
C LYS B 311 -10.29 20.02 9.29
N GLN B 312 -9.21 20.23 10.04
CA GLN B 312 -8.08 20.95 9.49
C GLN B 312 -7.35 20.12 8.42
N PHE B 313 -7.42 18.80 8.51
CA PHE B 313 -6.80 17.98 7.47
C PHE B 313 -7.52 18.17 6.14
N TYR B 314 -8.84 18.21 6.17
CA TYR B 314 -9.58 18.40 4.93
C TYR B 314 -9.47 19.82 4.41
N GLU B 315 -9.35 20.81 5.32
CA GLU B 315 -9.06 22.17 4.92
C GLU B 315 -7.78 22.22 4.09
N ARG B 316 -6.71 21.56 4.57
CA ARG B 316 -5.44 21.58 3.84
C ARG B 316 -5.50 20.72 2.59
N LEU B 317 -6.35 19.70 2.58
CA LEU B 317 -6.58 18.91 1.38
C LEU B 317 -7.29 19.70 0.28
N GLY B 318 -8.02 20.75 0.62
CA GLY B 318 -8.70 21.58 -0.36
C GLY B 318 -10.17 21.25 -0.56
N ILE B 319 -10.78 20.50 0.36
CA ILE B 319 -12.22 20.26 0.26
C ILE B 319 -12.96 21.57 0.46
N PRO B 320 -13.86 21.95 -0.43
CA PRO B 320 -14.62 23.19 -0.23
C PRO B 320 -15.46 23.09 1.05
N GLU B 321 -15.43 24.18 1.83
CA GLU B 321 -16.07 24.20 3.14
C GLU B 321 -17.53 23.74 3.10
N GLU B 322 -18.27 24.14 2.07
CA GLU B 322 -19.68 23.79 2.01
C GLU B 322 -19.92 22.30 1.82
N ARG B 323 -18.93 21.55 1.34
CA ARG B 323 -19.15 20.15 0.98
C ARG B 323 -18.62 19.18 2.03
N LEU B 324 -18.31 19.65 3.23
CA LEU B 324 -17.80 18.84 4.32
C LEU B 324 -18.66 19.07 5.56
N ARG B 325 -19.15 17.99 6.15
CA ARG B 325 -19.89 18.10 7.41
C ARG B 325 -19.57 16.90 8.30
N PHE B 326 -19.75 17.08 9.60
CA PHE B 326 -19.58 16.03 10.59
C PHE B 326 -20.93 15.70 11.23
N ARG B 327 -21.41 14.47 11.02
CA ARG B 327 -22.72 14.05 11.50
C ARG B 327 -22.59 13.15 12.71
N GLU B 328 -23.25 13.54 13.81
CA GLU B 328 -23.35 12.72 15.01
C GLU B 328 -24.46 11.68 14.82
N LEU B 329 -24.11 10.40 14.98
CA LEU B 329 -25.10 9.34 14.87
C LEU B 329 -25.82 9.15 16.20
N SER B 330 -27.08 8.72 16.12
CA SER B 330 -27.91 8.52 17.31
C SER B 330 -27.62 7.16 17.93
N GLU B 331 -28.21 6.95 19.12
CA GLU B 331 -28.06 5.68 19.82
C GLU B 331 -28.55 4.52 18.96
N LYS B 332 -29.57 4.73 18.15
CA LYS B 332 -30.05 3.65 17.31
C LYS B 332 -29.12 3.38 16.12
N GLU B 333 -28.56 4.43 15.52
CA GLU B 333 -27.81 4.20 14.29
C GLU B 333 -26.35 3.86 14.52
N LYS B 334 -25.76 4.29 15.63
CA LYS B 334 -24.33 4.12 15.81
C LYS B 334 -24.00 2.67 16.18
N ALA B 335 -22.73 2.32 16.02
CA ALA B 335 -22.25 1.02 16.48
C ALA B 335 -22.23 1.00 18.00
N PHE B 336 -22.57 -0.16 18.59
CA PHE B 336 -22.90 -0.20 20.01
C PHE B 336 -21.78 0.33 20.88
N TYR B 337 -20.54 -0.09 20.60
CA TYR B 337 -19.42 0.26 21.46
C TYR B 337 -18.78 1.59 21.10
N ASN B 338 -19.34 2.32 20.15
CA ASN B 338 -18.92 3.70 19.91
C ASN B 338 -19.74 4.58 20.84
N LYS B 339 -19.12 5.01 21.94
CA LYS B 339 -19.79 5.93 22.85
C LYS B 339 -20.12 7.23 22.14
N TYR B 340 -19.14 7.81 21.45
CA TYR B 340 -19.35 8.88 20.49
C TYR B 340 -19.01 8.36 19.10
N HIS B 341 -19.88 8.61 18.13
CA HIS B 341 -19.72 8.15 16.77
C HIS B 341 -20.08 9.30 15.83
N VAL B 342 -19.08 9.93 15.23
CA VAL B 342 -19.26 11.07 14.33
C VAL B 342 -18.71 10.71 12.95
N ASP B 343 -19.58 10.63 11.95
CA ASP B 343 -19.14 10.37 10.57
C ASP B 343 -18.68 11.65 9.87
N ILE B 344 -17.55 11.54 9.17
CA ILE B 344 -17.08 12.59 8.27
C ILE B 344 -17.78 12.39 6.93
N GLU B 345 -18.51 13.41 6.48
CA GLU B 345 -19.34 13.25 5.28
C GLU B 345 -18.99 14.31 4.25
N ILE B 346 -18.94 13.89 2.99
CA ILE B 346 -18.59 14.77 1.89
C ILE B 346 -19.76 14.76 0.93
N ASN B 347 -20.08 15.94 0.40
CA ASN B 347 -21.21 16.12 -0.49
C ASN B 347 -20.71 15.88 -1.91
N PHE B 348 -20.88 14.65 -2.38
CA PHE B 348 -20.48 14.26 -3.73
C PHE B 348 -21.46 14.86 -4.75
N PRO B 349 -21.00 15.57 -5.76
CA PRO B 349 -21.94 16.05 -6.79
C PRO B 349 -22.77 14.95 -7.42
N THR B 350 -22.20 13.75 -7.58
CA THR B 350 -22.92 12.65 -8.21
C THR B 350 -23.76 11.86 -7.22
N TYR B 351 -23.26 11.64 -6.00
CA TYR B 351 -23.87 10.70 -5.09
C TYR B 351 -24.55 11.34 -3.89
N GLY B 352 -24.43 12.66 -3.70
CA GLY B 352 -24.96 13.25 -2.48
C GLY B 352 -24.00 13.09 -1.32
N TRP B 353 -24.55 13.26 -0.11
CA TRP B 353 -23.72 13.20 1.10
C TRP B 353 -23.32 11.75 1.37
N LYS B 354 -22.02 11.52 1.51
CA LYS B 354 -21.51 10.17 1.75
C LYS B 354 -20.41 10.22 2.80
N GLU B 355 -20.46 9.25 3.72
CA GLU B 355 -19.42 9.07 4.71
C GLU B 355 -18.09 8.72 4.03
N VAL B 356 -17.03 9.44 4.37
CA VAL B 356 -15.68 9.13 3.92
C VAL B 356 -14.77 8.73 5.08
N GLY B 357 -15.31 8.71 6.30
CA GLY B 357 -14.52 8.41 7.49
C GLY B 357 -15.37 8.55 8.74
N GLY B 358 -14.72 8.41 9.89
CA GLY B 358 -15.43 8.48 11.15
C GLY B 358 -14.50 8.65 12.34
N ILE B 359 -15.01 9.29 13.38
CA ILE B 359 -14.29 9.55 14.62
C ILE B 359 -15.06 8.85 15.73
N HIS B 360 -14.46 7.82 16.34
CA HIS B 360 -15.15 6.93 17.27
C HIS B 360 -14.45 6.90 18.63
N TYR B 361 -15.18 7.21 19.69
CA TYR B 361 -14.71 6.97 21.05
C TYR B 361 -15.28 5.63 21.51
N ARG B 362 -14.39 4.69 21.81
CA ARG B 362 -14.79 3.31 22.10
C ARG B 362 -14.47 2.92 23.53
N THR B 363 -14.27 3.90 24.42
CA THR B 363 -13.79 3.71 25.79
C THR B 363 -12.74 2.61 25.85
N ASP B 364 -12.96 1.59 26.70
CA ASP B 364 -11.97 0.53 26.82
C ASP B 364 -12.48 -0.81 26.31
N HIS B 365 -13.48 -0.78 25.43
CA HIS B 365 -14.10 -2.00 24.94
C HIS B 365 -13.11 -2.92 24.22
N ASP B 366 -12.28 -2.35 23.33
CA ASP B 366 -11.45 -3.16 22.44
C ASP B 366 -10.38 -3.96 23.21
N LEU B 367 -9.59 -3.30 24.06
CA LEU B 367 -8.57 -4.04 24.79
C LEU B 367 -9.18 -4.96 25.84
N SER B 368 -10.31 -4.57 26.44
CA SER B 368 -11.00 -5.41 27.42
C SER B 368 -11.42 -6.73 26.81
N GLY B 369 -12.03 -6.67 25.63
CA GLY B 369 -12.49 -7.89 24.99
C GLY B 369 -11.36 -8.78 24.54
N HIS B 370 -10.27 -8.20 24.01
CA HIS B 370 -9.13 -9.01 23.60
C HIS B 370 -8.40 -9.62 24.80
N MET B 371 -8.30 -8.88 25.91
CA MET B 371 -7.70 -9.45 27.12
C MET B 371 -8.51 -10.63 27.65
N LYS B 372 -9.83 -10.48 27.69
CA LYS B 372 -10.70 -11.57 28.14
C LYS B 372 -10.56 -12.81 27.25
N VAL B 373 -10.73 -12.63 25.93
CA VAL B 373 -10.70 -13.79 25.05
C VAL B 373 -9.30 -14.38 24.94
N SER B 374 -8.28 -13.53 24.80
CA SER B 374 -6.93 -14.07 24.63
C SER B 374 -6.28 -14.51 25.95
N GLY B 375 -6.68 -13.90 27.06
CA GLY B 375 -6.04 -14.15 28.33
C GLY B 375 -4.81 -13.30 28.58
N LYS B 376 -4.35 -12.53 27.61
CA LYS B 376 -3.12 -11.77 27.82
C LYS B 376 -3.41 -10.43 28.48
N ASP B 377 -2.43 -9.96 29.24
CA ASP B 377 -2.55 -8.77 30.06
C ASP B 377 -2.39 -7.54 29.19
N LEU B 378 -3.51 -6.89 28.89
CA LEU B 378 -3.55 -5.66 28.12
C LEU B 378 -3.72 -4.43 28.99
N THR B 379 -3.44 -4.54 30.28
CA THR B 379 -3.59 -3.41 31.17
C THR B 379 -2.29 -2.61 31.25
N VAL B 380 -2.42 -1.42 31.79
CA VAL B 380 -1.32 -0.50 32.02
C VAL B 380 -1.39 -0.06 33.47
N GLN B 381 -0.24 0.06 34.12
CA GLN B 381 -0.19 0.43 35.52
C GLN B 381 -0.07 1.94 35.63
N LYS B 382 -1.09 2.57 36.24
CA LYS B 382 -1.13 4.01 36.47
C LYS B 382 -1.17 4.25 37.96
N ASP B 383 -0.06 4.74 38.51
CA ASP B 383 0.04 5.04 39.94
C ASP B 383 -0.34 3.82 40.78
N ASN B 384 0.27 2.68 40.43
CA ASN B 384 0.06 1.41 41.12
C ASN B 384 -1.38 0.93 41.04
N LYS B 385 -2.13 1.40 40.03
CA LYS B 385 -3.47 0.90 39.72
C LYS B 385 -3.49 0.46 38.26
N LYS B 386 -3.95 -0.76 38.01
CA LYS B 386 -4.02 -1.27 36.65
C LYS B 386 -5.27 -0.73 35.97
N PHE B 387 -5.11 -0.23 34.75
CA PHE B 387 -6.28 0.18 33.97
C PHE B 387 -6.07 -0.15 32.51
N ILE B 388 -7.20 -0.32 31.82
CA ILE B 388 -7.23 -0.68 30.41
C ILE B 388 -7.28 0.62 29.61
N PRO B 389 -6.31 0.90 28.74
CA PRO B 389 -6.32 2.17 28.01
C PRO B 389 -7.56 2.30 27.13
N HIS B 390 -7.99 3.53 26.95
CA HIS B 390 -9.13 3.78 26.10
C HIS B 390 -8.64 4.03 24.67
N VAL B 391 -9.52 3.78 23.71
CA VAL B 391 -9.22 3.94 22.29
C VAL B 391 -10.08 5.07 21.72
N LEU B 392 -9.42 6.05 21.12
CA LEU B 392 -10.06 6.94 20.15
C LEU B 392 -9.58 6.54 18.76
N GLU B 393 -10.54 6.28 17.86
CA GLU B 393 -10.26 5.83 16.51
C GLU B 393 -10.62 6.92 15.50
N LEU B 394 -9.69 7.23 14.61
CA LEU B 394 -9.94 8.06 13.43
C LEU B 394 -9.82 7.16 12.21
N SER B 395 -10.94 6.88 11.57
CA SER B 395 -11.00 5.90 10.50
C SER B 395 -11.37 6.58 9.18
N PHE B 396 -10.74 6.15 8.09
CA PHE B 396 -10.93 6.77 6.77
C PHE B 396 -10.99 5.69 5.71
N GLY B 397 -12.01 5.76 4.85
CA GLY B 397 -12.04 4.94 3.66
C GLY B 397 -11.22 5.57 2.55
N VAL B 398 -10.02 5.03 2.29
CA VAL B 398 -9.13 5.66 1.31
C VAL B 398 -9.77 5.70 -0.08
N ASP B 399 -10.39 4.59 -0.51
CA ASP B 399 -11.05 4.61 -1.82
C ASP B 399 -12.14 5.68 -1.88
N ARG B 400 -12.85 5.88 -0.76
CA ARG B 400 -13.97 6.82 -0.81
C ARG B 400 -13.45 8.24 -0.89
N ASN B 401 -12.34 8.55 -0.20
CA ASN B 401 -11.71 9.85 -0.29
C ASN B 401 -11.14 10.12 -1.68
N VAL B 402 -10.55 9.11 -2.31
CA VAL B 402 -10.05 9.30 -3.67
C VAL B 402 -11.19 9.62 -4.62
N LEU B 403 -12.30 8.89 -4.49
CA LEU B 403 -13.46 9.18 -5.35
C LEU B 403 -13.98 10.60 -5.13
N ALA B 404 -13.93 11.09 -3.89
CA ALA B 404 -14.33 12.47 -3.62
C ALA B 404 -13.40 13.45 -4.33
N LEU B 405 -12.11 13.13 -4.40
CA LEU B 405 -11.15 14.03 -5.04
C LEU B 405 -11.37 14.14 -6.54
N ILE B 406 -11.96 13.10 -7.15
CA ILE B 406 -12.36 13.18 -8.56
C ILE B 406 -13.70 13.89 -8.70
N ASP B 407 -14.69 13.42 -7.94
CA ASP B 407 -16.07 13.88 -8.11
C ASP B 407 -16.23 15.33 -7.71
N LEU B 408 -15.55 15.76 -6.66
CA LEU B 408 -15.67 17.16 -6.24
C LEU B 408 -15.12 18.11 -7.29
N PHE B 409 -14.11 17.70 -8.05
CA PHE B 409 -13.34 18.69 -8.76
C PHE B 409 -13.47 18.58 -10.26
N LEU B 410 -14.06 17.50 -10.77
CA LEU B 410 -14.24 17.33 -12.20
C LEU B 410 -15.29 18.33 -12.68
N THR B 411 -14.86 19.30 -13.49
CA THR B 411 -15.68 20.48 -13.81
C THR B 411 -15.98 20.57 -15.30
N GLU B 412 -17.21 20.95 -15.60
CA GLU B 412 -17.58 21.47 -16.92
C GLU B 412 -17.51 22.99 -16.81
N GLU B 413 -16.55 23.61 -17.48
CA GLU B 413 -16.32 25.04 -17.36
C GLU B 413 -16.77 25.76 -18.62
N GLU B 414 -17.36 26.94 -18.44
CA GLU B 414 -17.65 27.88 -19.51
C GLU B 414 -16.97 29.20 -19.17
N TYR B 415 -16.27 29.77 -20.14
CA TYR B 415 -15.40 30.92 -19.89
C TYR B 415 -15.26 31.74 -21.18
N GLU B 416 -14.56 32.86 -21.07
CA GLU B 416 -14.25 33.72 -22.19
C GLU B 416 -12.76 33.95 -22.23
N ILE B 417 -12.20 34.14 -23.42
CA ILE B 417 -10.76 34.24 -23.55
C ILE B 417 -10.45 35.03 -24.82
N GLU B 418 -9.29 35.68 -24.82
CA GLU B 418 -8.89 36.55 -25.90
C GLU B 418 -8.30 35.74 -27.05
N ARG B 419 -8.96 35.78 -28.20
CA ARG B 419 -8.45 35.15 -29.41
C ARG B 419 -8.80 36.05 -30.59
N ASP B 420 -7.88 36.17 -31.54
CA ASP B 420 -8.14 36.96 -32.75
C ASP B 420 -8.54 38.39 -32.38
N ASN B 421 -7.82 38.96 -31.41
CA ASN B 421 -8.02 40.35 -31.01
C ASN B 421 -9.45 40.63 -30.53
N GLN B 422 -10.09 39.65 -29.90
CA GLN B 422 -11.42 39.82 -29.32
C GLN B 422 -11.67 38.72 -28.31
N LYS B 423 -12.75 38.88 -27.54
CA LYS B 423 -13.15 37.89 -26.55
C LYS B 423 -14.12 36.88 -27.15
N VAL B 424 -13.84 35.60 -26.96
CA VAL B 424 -14.71 34.53 -27.46
C VAL B 424 -15.12 33.64 -26.30
N LYS B 425 -16.24 32.92 -26.50
CA LYS B 425 -16.81 32.02 -25.51
C LYS B 425 -16.35 30.59 -25.78
N GLU B 426 -15.90 29.90 -24.74
CA GLU B 426 -15.44 28.52 -24.86
C GLU B 426 -15.91 27.69 -23.68
N LYS B 427 -15.75 26.38 -23.83
CA LYS B 427 -16.07 25.44 -22.78
C LYS B 427 -15.05 24.30 -22.79
N ARG B 428 -14.85 23.69 -21.62
CA ARG B 428 -13.92 22.58 -21.49
C ARG B 428 -14.28 21.75 -20.27
N VAL B 429 -13.81 20.51 -20.28
CA VAL B 429 -13.77 19.66 -19.11
C VAL B 429 -12.39 19.77 -18.51
N VAL B 430 -12.31 20.16 -17.25
CA VAL B 430 -11.05 20.22 -16.53
C VAL B 430 -11.25 19.56 -15.17
N LEU B 431 -10.28 18.77 -14.76
CA LEU B 431 -10.22 18.27 -13.38
C LEU B 431 -9.45 19.32 -12.56
N LYS B 432 -10.19 20.09 -11.77
CA LYS B 432 -9.61 21.15 -10.94
C LYS B 432 -9.10 20.62 -9.60
N ILE B 433 -8.39 19.50 -9.66
CA ILE B 433 -7.90 18.89 -8.41
C ILE B 433 -6.84 19.79 -7.79
N PRO B 434 -6.81 19.97 -6.47
CA PRO B 434 -5.79 20.83 -5.87
C PRO B 434 -4.41 20.43 -6.35
N LYS B 435 -3.61 21.44 -6.72
CA LYS B 435 -2.35 21.20 -7.41
C LYS B 435 -1.46 20.24 -6.65
N HIS B 436 -1.43 20.35 -5.32
CA HIS B 436 -0.50 19.53 -4.58
C HIS B 436 -0.91 18.07 -4.51
N LEU B 437 -2.15 17.73 -4.89
CA LEU B 437 -2.59 16.35 -4.96
C LEU B 437 -2.65 15.78 -6.38
N ALA B 438 -2.44 16.62 -7.41
CA ALA B 438 -2.65 16.17 -8.79
C ALA B 438 -1.77 14.95 -9.09
N PRO B 439 -2.32 13.91 -9.72
CA PRO B 439 -1.49 12.71 -9.96
C PRO B 439 -0.26 12.99 -10.80
N ILE B 440 -0.32 13.94 -11.73
CA ILE B 440 0.84 14.34 -12.53
C ILE B 440 0.91 15.86 -12.56
N LYS B 441 2.02 16.40 -12.08
CA LYS B 441 2.09 17.84 -11.85
C LYS B 441 2.47 18.62 -13.12
N VAL B 442 3.17 18.00 -14.07
CA VAL B 442 3.74 18.71 -15.21
C VAL B 442 3.65 17.82 -16.43
N ALA B 443 3.37 18.45 -17.58
CA ALA B 443 3.43 17.82 -18.89
C ALA B 443 4.37 18.63 -19.77
N VAL B 444 5.13 17.94 -20.63
CA VAL B 444 6.11 18.56 -21.52
C VAL B 444 5.75 18.18 -22.96
N PHE B 445 5.51 19.19 -23.79
CA PHE B 445 4.97 19.06 -25.14
C PHE B 445 5.92 19.71 -26.14
N PRO B 446 6.50 18.98 -27.10
CA PRO B 446 7.00 19.66 -28.29
C PRO B 446 5.82 20.16 -29.11
N LEU B 447 5.91 21.39 -29.60
CA LEU B 447 4.80 21.95 -30.35
C LEU B 447 4.46 21.10 -31.56
N LEU B 448 5.49 20.59 -32.25
CA LEU B 448 5.31 19.80 -33.45
C LEU B 448 6.25 18.61 -33.39
N LYS B 449 5.93 17.58 -34.18
CA LYS B 449 6.69 16.33 -34.20
C LYS B 449 7.93 16.45 -35.12
N LYS B 450 8.78 17.48 -34.85
CA LYS B 450 10.00 17.74 -35.61
C LYS B 450 11.23 17.44 -34.76
N PRO B 451 12.28 16.87 -35.36
CA PRO B 451 13.42 16.40 -34.54
C PRO B 451 14.02 17.45 -33.64
N GLU B 452 14.15 18.69 -34.13
CA GLU B 452 14.73 19.76 -33.31
C GLU B 452 13.89 20.04 -32.07
N LEU B 453 12.57 20.11 -32.22
CA LEU B 453 11.72 20.41 -31.08
C LEU B 453 11.67 19.22 -30.12
N ILE B 454 11.51 18.01 -30.66
CA ILE B 454 11.50 16.80 -29.85
C ILE B 454 12.75 16.70 -29.00
N GLU B 455 13.92 16.95 -29.62
CA GLU B 455 15.18 16.86 -28.88
C GLU B 455 15.24 17.90 -27.78
N LYS B 456 14.79 19.13 -28.07
CA LYS B 456 14.77 20.15 -27.05
C LYS B 456 13.78 19.81 -25.95
N ALA B 457 12.61 19.27 -26.32
CA ALA B 457 11.60 18.90 -25.35
C ALA B 457 12.10 17.81 -24.42
N LYS B 458 12.76 16.78 -24.97
CA LYS B 458 13.32 15.72 -24.13
C LYS B 458 14.40 16.27 -23.21
N GLU B 459 15.18 17.24 -23.69
CA GLU B 459 16.14 17.89 -22.82
C GLU B 459 15.45 18.55 -21.65
N VAL B 460 14.34 19.26 -21.90
CA VAL B 460 13.61 19.88 -20.82
C VAL B 460 13.06 18.81 -19.88
N TYR B 461 12.53 17.73 -20.44
CA TYR B 461 11.96 16.65 -19.62
C TYR B 461 13.00 16.05 -18.69
N ASN B 462 14.24 15.91 -19.17
CA ASN B 462 15.26 15.27 -18.36
C ASN B 462 15.75 16.19 -17.24
N MET B 463 15.80 17.50 -17.49
CA MET B 463 16.14 18.41 -16.40
C MET B 463 15.02 18.45 -15.36
N LEU B 464 13.76 18.52 -15.80
CA LEU B 464 12.65 18.72 -14.87
C LEU B 464 12.40 17.53 -13.96
N LYS B 465 12.76 16.32 -14.39
CA LYS B 465 12.38 15.14 -13.60
C LYS B 465 13.21 15.01 -12.32
N ASN B 466 14.22 15.87 -12.12
CA ASN B 466 14.84 16.04 -10.82
C ASN B 466 14.02 16.92 -9.88
N TYR B 467 12.98 17.59 -10.38
CA TYR B 467 12.15 18.47 -9.58
C TYR B 467 10.70 18.03 -9.49
N PHE B 468 10.22 17.26 -10.44
CA PHE B 468 8.86 16.77 -10.44
C PHE B 468 8.87 15.36 -10.99
N TYR B 469 8.04 14.48 -10.40
CA TYR B 469 7.95 13.12 -10.90
C TYR B 469 6.62 12.52 -10.46
N PRO B 470 5.94 11.74 -11.33
CA PRO B 470 6.31 11.60 -12.74
C PRO B 470 5.93 12.81 -13.58
N ILE B 471 6.35 12.79 -14.85
CA ILE B 471 6.09 13.85 -15.82
C ILE B 471 5.52 13.22 -17.09
N ILE B 472 4.47 13.82 -17.63
CA ILE B 472 3.91 13.40 -18.91
C ILE B 472 4.70 14.04 -20.04
N TYR B 473 5.15 13.22 -20.97
CA TYR B 473 5.73 13.68 -22.22
C TYR B 473 4.86 13.17 -23.35
N ASP B 474 4.54 14.03 -24.30
CA ASP B 474 3.56 13.67 -25.32
C ASP B 474 3.76 14.52 -26.57
N GLU B 475 3.87 13.86 -27.72
CA GLU B 475 4.11 14.55 -28.96
C GLU B 475 3.04 14.26 -30.01
N GLN B 476 1.94 13.62 -29.61
CA GLN B 476 0.89 13.22 -30.55
C GLN B 476 -0.23 14.25 -30.62
N GLY B 477 -0.63 14.59 -31.84
CA GLY B 477 -1.74 15.47 -32.06
C GLY B 477 -1.37 16.93 -31.94
N SER B 478 -2.33 17.79 -32.25
CA SER B 478 -2.11 19.22 -32.15
C SER B 478 -1.87 19.64 -30.70
N ILE B 479 -1.24 20.80 -30.54
CA ILE B 479 -0.93 21.27 -29.19
C ILE B 479 -2.22 21.53 -28.41
N GLY B 480 -3.26 22.01 -29.09
CA GLY B 480 -4.53 22.23 -28.41
C GLY B 480 -5.20 20.95 -27.97
N ARG B 481 -5.12 19.91 -28.82
CA ARG B 481 -5.52 18.56 -28.48
C ARG B 481 -4.86 18.11 -27.17
N ARG B 482 -3.55 18.33 -27.05
CA ARG B 482 -2.81 17.85 -25.90
C ARG B 482 -3.09 18.69 -24.66
N TYR B 483 -3.28 20.00 -24.82
CA TYR B 483 -3.75 20.81 -23.70
C TYR B 483 -5.06 20.29 -23.18
N ARG B 484 -5.96 19.88 -24.09
CA ARG B 484 -7.26 19.34 -23.68
C ARG B 484 -7.08 18.02 -22.92
N ARG B 485 -6.15 17.15 -23.36
CA ARG B 485 -5.95 15.88 -22.68
C ARG B 485 -5.45 16.06 -21.26
N VAL B 486 -4.53 16.99 -21.04
CA VAL B 486 -4.03 17.12 -19.67
C VAL B 486 -4.92 18.02 -18.80
N ASP B 487 -5.74 18.89 -19.42
CA ASP B 487 -6.79 19.55 -18.65
C ASP B 487 -7.72 18.50 -18.04
N GLU B 488 -8.14 17.53 -18.85
CA GLU B 488 -9.10 16.53 -18.41
C GLU B 488 -8.59 15.69 -17.23
N ILE B 489 -7.28 15.44 -17.17
CA ILE B 489 -6.71 14.63 -16.09
C ILE B 489 -6.01 15.49 -15.05
N GLY B 490 -6.25 16.81 -15.07
CA GLY B 490 -5.96 17.67 -13.94
C GLY B 490 -4.53 18.17 -13.81
N VAL B 491 -3.68 17.99 -14.82
CA VAL B 491 -2.28 18.41 -14.77
C VAL B 491 -2.17 19.91 -14.57
N PRO B 492 -1.50 20.38 -13.50
CA PRO B 492 -1.46 21.84 -13.26
C PRO B 492 -0.75 22.66 -14.33
N TYR B 493 0.38 22.16 -14.86
CA TYR B 493 1.24 22.93 -15.76
C TYR B 493 1.56 22.12 -17.01
N ALA B 494 1.37 22.74 -18.17
CA ALA B 494 1.82 22.21 -19.44
C ALA B 494 2.94 23.11 -19.98
N ILE B 495 4.04 22.49 -20.38
CA ILE B 495 5.20 23.24 -20.86
C ILE B 495 5.40 22.94 -22.34
N THR B 496 5.46 23.98 -23.16
CA THR B 496 5.56 23.78 -24.60
C THR B 496 6.91 24.28 -25.10
N ILE B 497 7.58 23.43 -25.87
CA ILE B 497 8.81 23.77 -26.55
C ILE B 497 8.43 24.10 -27.99
N ASP B 498 8.68 25.34 -28.39
CA ASP B 498 8.34 25.80 -29.72
C ASP B 498 9.60 26.33 -30.42
N TYR B 499 9.41 26.93 -31.61
CA TYR B 499 10.57 27.40 -32.36
C TYR B 499 11.28 28.54 -31.64
N GLN B 500 10.57 29.34 -30.86
CA GLN B 500 11.27 30.36 -30.07
C GLN B 500 12.21 29.71 -29.06
N THR B 501 11.85 28.53 -28.54
CA THR B 501 12.73 27.82 -27.62
C THR B 501 14.10 27.57 -28.25
N LEU B 502 14.11 27.21 -29.53
CA LEU B 502 15.37 27.01 -30.25
C LEU B 502 16.17 28.30 -30.38
N GLU B 503 15.52 29.45 -30.28
CA GLU B 503 16.18 30.73 -30.49
C GLU B 503 16.70 31.35 -29.19
N ASP B 504 15.83 31.51 -28.18
CA ASP B 504 16.24 32.17 -26.94
C ASP B 504 16.12 31.29 -25.71
N ASN B 505 15.93 29.99 -25.88
CA ASN B 505 15.93 29.02 -24.77
C ASN B 505 14.81 29.28 -23.76
N THR B 506 13.72 29.92 -24.17
CA THR B 506 12.54 30.03 -23.33
C THR B 506 11.48 29.05 -23.76
N VAL B 507 10.67 28.60 -22.81
CA VAL B 507 9.50 27.79 -23.06
C VAL B 507 8.29 28.57 -22.58
N THR B 508 7.11 28.04 -22.89
CA THR B 508 5.87 28.63 -22.40
C THR B 508 5.22 27.68 -21.39
N ILE B 509 4.73 28.26 -20.30
CA ILE B 509 4.03 27.55 -19.24
C ILE B 509 2.56 27.90 -19.33
N ARG B 510 1.71 26.91 -19.56
CA ARG B 510 0.28 27.11 -19.53
C ARG B 510 -0.26 26.64 -18.17
N ASP B 511 -0.99 27.53 -17.51
CA ASP B 511 -1.56 27.24 -16.20
C ASP B 511 -2.94 26.63 -16.39
N ARG B 512 -3.19 25.49 -15.72
CA ARG B 512 -4.45 24.76 -15.91
C ARG B 512 -5.66 25.60 -15.51
N ASP B 513 -5.60 26.28 -14.37
CA ASP B 513 -6.79 26.95 -13.83
C ASP B 513 -7.15 28.17 -14.69
N THR B 514 -6.17 29.03 -14.98
CA THR B 514 -6.45 30.26 -15.71
C THR B 514 -6.26 30.13 -17.21
N MET B 515 -5.53 29.13 -17.69
CA MET B 515 -5.20 28.94 -19.10
C MET B 515 -4.28 30.03 -19.63
N LYS B 516 -3.63 30.79 -18.76
CA LYS B 516 -2.66 31.79 -19.19
C LYS B 516 -1.33 31.14 -19.56
N GLN B 517 -0.65 31.75 -20.54
CA GLN B 517 0.66 31.31 -20.98
C GLN B 517 1.70 32.36 -20.61
N VAL B 518 2.80 31.93 -20.00
CA VAL B 518 3.91 32.80 -19.66
C VAL B 518 5.19 32.17 -20.22
N ARG B 519 5.97 32.95 -20.96
CA ARG B 519 7.28 32.48 -21.40
C ARG B 519 8.29 32.60 -20.27
N VAL B 520 9.08 31.54 -20.09
CA VAL B 520 10.05 31.44 -19.01
C VAL B 520 11.30 30.77 -19.57
N LYS B 521 12.47 31.29 -19.19
CA LYS B 521 13.71 30.61 -19.54
C LYS B 521 13.74 29.21 -18.94
N ILE B 522 14.23 28.25 -19.72
CA ILE B 522 14.34 26.87 -19.24
C ILE B 522 15.11 26.83 -17.93
N GLU B 523 16.16 27.66 -17.84
CA GLU B 523 16.97 27.83 -16.66
C GLU B 523 16.14 28.09 -15.41
N ASP B 524 15.08 28.89 -15.54
CA ASP B 524 14.30 29.34 -14.40
C ASP B 524 13.05 28.50 -14.16
N LEU B 525 12.86 27.44 -14.94
CA LEU B 525 11.63 26.66 -14.89
C LEU B 525 11.34 26.08 -13.51
N PRO B 526 12.30 25.46 -12.78
CA PRO B 526 11.97 24.81 -11.51
C PRO B 526 11.21 25.66 -10.49
N ASN B 527 11.17 26.99 -10.65
CA ASN B 527 10.29 27.81 -9.83
C ASN B 527 8.90 27.89 -10.49
N GLN B 528 8.08 26.88 -10.22
CA GLN B 528 6.67 26.87 -10.56
C GLN B 528 5.90 26.21 -9.42
N LEU B 529 4.89 26.93 -8.91
CA LEU B 529 4.33 26.67 -7.58
C LEU B 529 3.27 25.59 -7.58
N THR B 530 3.37 24.69 -6.61
CA THR B 530 2.38 23.65 -6.35
C THR B 530 1.63 24.01 -5.07
N LEU B 531 0.32 24.23 -5.18
CA LEU B 531 -0.51 24.68 -4.07
C LEU B 531 -1.96 24.18 -4.20
S SO4 C . 13.85 -20.74 -0.36
O1 SO4 C . 12.91 -19.91 0.37
O2 SO4 C . 14.48 -21.68 0.58
O3 SO4 C . 13.15 -21.45 -1.41
O4 SO4 C . 14.88 -19.90 -0.99
S SO4 D . 8.11 -16.74 -6.90
O1 SO4 D . 7.18 -15.61 -6.91
O2 SO4 D . 8.51 -17.05 -5.53
O3 SO4 D . 7.49 -17.91 -7.51
O4 SO4 D . 9.30 -16.35 -7.66
S SO4 E . 12.62 -21.93 11.10
O1 SO4 E . 12.16 -20.54 11.26
O2 SO4 E . 12.54 -22.61 12.39
O3 SO4 E . 11.75 -22.62 10.16
O4 SO4 E . 14.01 -21.92 10.62
C1 GOL F . 0.36 -25.25 9.89
O1 GOL F . 1.65 -25.08 9.36
C2 GOL F . -0.22 -23.90 10.32
O2 GOL F . -1.56 -23.80 9.86
C3 GOL F . -0.22 -23.76 11.84
O3 GOL F . 0.06 -22.42 12.20
S SO4 G . -24.30 2.33 -9.64
O1 SO4 G . -25.62 2.44 -9.02
O2 SO4 G . -23.67 1.09 -9.17
O3 SO4 G . -24.40 2.27 -11.10
O4 SO4 G . -23.50 3.50 -9.27
S SO4 H . -23.17 4.17 1.52
O1 SO4 H . -22.89 5.20 2.52
O2 SO4 H . -23.56 2.92 2.16
O3 SO4 H . -24.22 4.62 0.61
O4 SO4 H . -21.94 3.93 0.74
S SO4 I . -24.50 -47.64 0.31
O1 SO4 I . -23.90 -46.97 1.48
O2 SO4 I . -25.92 -47.88 0.57
O3 SO4 I . -23.84 -48.93 0.08
O4 SO4 I . -24.34 -46.78 -0.87
S SO4 J . -16.97 1.43 7.78
O1 SO4 J . -17.19 2.86 7.94
O2 SO4 J . -16.17 0.93 8.91
O3 SO4 J . -16.26 1.18 6.52
O4 SO4 J . -18.26 0.76 7.76
S SO4 K . -7.31 12.12 -28.35
O1 SO4 K . -7.14 13.06 -27.25
O2 SO4 K . -6.18 11.19 -28.38
O3 SO4 K . -8.55 11.36 -28.16
O4 SO4 K . -7.34 12.85 -29.63
C1 GOL L . -20.61 -9.84 -8.62
O1 GOL L . -20.40 -9.79 -10.02
C2 GOL L . -21.86 -10.59 -8.15
O2 GOL L . -21.40 -11.72 -7.45
C3 GOL L . -22.68 -9.77 -7.14
O3 GOL L . -23.36 -8.71 -7.77
C1 GOL M . -7.26 22.23 -32.90
O1 GOL M . -6.57 21.31 -33.72
C2 GOL M . -6.32 22.88 -31.87
O2 GOL M . -6.80 24.17 -31.55
C3 GOL M . -4.92 23.03 -32.46
O3 GOL M . -3.99 23.34 -31.43
C1 GOL N . -20.05 18.83 -12.32
O1 GOL N . -21.27 18.91 -13.03
C2 GOL N . -19.84 20.07 -11.45
O2 GOL N . -19.64 21.17 -12.32
C3 GOL N . -18.62 19.83 -10.55
O3 GOL N . -18.68 20.52 -9.32
#